data_5EZO
#
_entry.id   5EZO
#
_cell.length_a   95.801
_cell.length_b   44.681
_cell.length_c   121.336
_cell.angle_alpha   90.000
_cell.angle_beta   108.030
_cell.angle_gamma   90.000
#
_symmetry.space_group_name_H-M   'P 1 21 1'
#
loop_
_entity.id
_entity.type
_entity.pdbx_description
1 polymer PfCyRPA
2 polymer 'c12 FAB'
3 polymer 'c12 Fab'
4 branched 2-acetamido-2-deoxy-beta-D-glucopyranose-(1-4)-[alpha-L-fucopyranose-(1-6)]2-acetamido-2-deoxy-beta-D-glucopyranose
#
loop_
_entity_poly.entity_id
_entity_poly.type
_entity_poly.pdbx_seq_one_letter_code
_entity_poly.pdbx_strand_id
1 'polypeptide(L)'
;NVNLLESGGGLVQPGGSLNLSCAASGFDFSRYWMSWARQAPGKGQEWIGEINPGSSTIKYTPSLKDKFIISRDNAKNTLY
LQMSKVSSEDTALYYCARYGSYVYAMDYWGPGTSVTVSSAKTTAPSVYPLAPVCGDTTGSSVTLGCLVKGYFPEPVTLTW
NSGSLSSGVHTFPAVLQSDLYTLSSSVTVTSSTWPSQSITCNVAHPASSTKVDKKIEPRGPT
;
H
2 'polypeptide(L)'
;SIVMTQTPKFLLVSAGDRITITCKASQSVRNDVAWYQQKPGQSPKLLIYFASNRYTGVPDRFTGSGSGTDFTFTISTVQA
EDLAVYFCQQGYTSPRTFGGGTKLEIKRADAAPTVSIFPPSSEQLTSGGASVVCFLNNFYPKDINVKWKIDGSERQNGVL
NSWTDQDSKDSTYSMSSTLTLTKDEYERHNSYTCEATHKTSTSPIVKSFNRNE
;
L
3 'polypeptide(L)'
;RHVFIRTELSFIKNNVPCIRDMFFIYKRELYNICLDDLKGEEDETHIYVQKKVKDSWITLNDLFKETDLTGRPHIFAYVD
VEEIIILLCEDEEFSNRKKDMTCHRFYSNDGKEYNNSEITISDYILKDKLLSSYVSLPLKIENREYFLICGVSPYKFKDD
NKKDDILCMASHDKGETWGTKIVIKYDNYKLGVQYFFLRPYISKNDLSFHFYVGDNINNVKNVNFIECTHEKDLEFVCSN
RDFLKDNKVLQDVSTLNDEYIVSYGNDNNFAECYIFFNNENSILIKPEKYGNTTAGCYGGTFVKIDENRTLFIYSSSQGI
YNIHTIYYANYE
;
A
#
loop_
_chem_comp.id
_chem_comp.type
_chem_comp.name
_chem_comp.formula
FUC L-saccharide, alpha linking alpha-L-fucopyranose 'C6 H12 O5'
NAG D-saccharide, beta linking 2-acetamido-2-deoxy-beta-D-glucopyranose 'C8 H15 N O6'
#
# COMPACT_ATOMS: atom_id res chain seq x y z
N ASN A 1 -16.10 10.62 5.95
CA ASN A 1 -16.20 9.36 5.21
C ASN A 1 -15.80 9.56 3.75
N VAL A 2 -14.69 8.93 3.37
CA VAL A 2 -14.10 9.16 2.05
C VAL A 2 -15.04 8.68 0.96
N ASN A 3 -15.09 9.45 -0.14
CA ASN A 3 -15.84 9.04 -1.30
C ASN A 3 -15.18 9.59 -2.56
N LEU A 4 -15.14 8.76 -3.59
CA LEU A 4 -14.59 9.10 -4.90
C LEU A 4 -15.62 8.78 -5.96
N LEU A 5 -15.48 9.40 -7.13
CA LEU A 5 -16.33 9.09 -8.26
C LEU A 5 -15.62 9.42 -9.57
N GLU A 6 -15.48 8.43 -10.43
CA GLU A 6 -14.92 8.60 -11.76
C GLU A 6 -15.99 9.04 -12.75
N SER A 7 -15.55 9.71 -13.82
CA SER A 7 -16.46 10.24 -14.83
C SER A 7 -15.69 10.43 -16.14
N GLY A 8 -16.44 10.47 -17.23
CA GLY A 8 -15.89 10.69 -18.55
C GLY A 8 -15.63 9.45 -19.37
N GLY A 9 -15.96 8.26 -18.87
CA GLY A 9 -15.70 7.05 -19.62
C GLY A 9 -16.66 6.83 -20.76
N GLY A 10 -16.28 5.94 -21.66
CA GLY A 10 -17.09 5.62 -22.82
C GLY A 10 -16.23 5.07 -23.94
N LEU A 11 -16.82 5.05 -25.13
CA LEU A 11 -16.13 4.64 -26.35
C LEU A 11 -15.33 5.80 -26.95
N VAL A 12 -14.22 5.45 -27.60
CA VAL A 12 -13.40 6.41 -28.34
C VAL A 12 -12.71 5.66 -29.47
N GLN A 13 -12.69 6.27 -30.65
CA GLN A 13 -12.06 5.63 -31.80
C GLN A 13 -10.54 5.59 -31.60
N PRO A 14 -9.87 4.57 -32.14
CA PRO A 14 -8.41 4.49 -31.97
C PRO A 14 -7.71 5.70 -32.58
N GLY A 15 -6.65 6.15 -31.91
CA GLY A 15 -5.97 7.35 -32.30
C GLY A 15 -6.62 8.63 -31.83
N GLY A 16 -7.70 8.52 -31.06
CA GLY A 16 -8.46 9.68 -30.62
C GLY A 16 -8.00 10.21 -29.28
N SER A 17 -8.92 10.85 -28.57
CA SER A 17 -8.60 11.45 -27.28
C SER A 17 -9.80 11.34 -26.36
N LEU A 18 -9.54 11.33 -25.06
CA LEU A 18 -10.60 11.25 -24.07
C LEU A 18 -10.11 11.85 -22.76
N ASN A 19 -11.00 12.56 -22.06
CA ASN A 19 -10.72 13.15 -20.76
C ASN A 19 -11.44 12.35 -19.68
N LEU A 20 -10.73 12.08 -18.58
CA LEU A 20 -11.29 11.36 -17.45
C LEU A 20 -11.16 12.19 -16.18
N SER A 21 -12.25 12.33 -15.43
CA SER A 21 -12.26 13.12 -14.20
C SER A 21 -12.56 12.23 -13.00
N CYS A 22 -12.13 12.68 -11.82
CA CYS A 22 -12.41 11.98 -10.58
C CYS A 22 -12.69 13.00 -9.49
N ALA A 23 -13.94 13.10 -9.05
CA ALA A 23 -14.31 13.96 -7.94
C ALA A 23 -14.11 13.23 -6.62
N ALA A 24 -13.69 13.97 -5.60
CA ALA A 24 -13.36 13.42 -4.30
C ALA A 24 -13.97 14.27 -3.20
N SER A 25 -14.39 13.62 -2.12
CA SER A 25 -15.03 14.35 -1.03
C SER A 25 -14.96 13.52 0.25
N GLY A 26 -15.21 14.20 1.37
CA GLY A 26 -15.14 13.60 2.69
C GLY A 26 -13.78 13.66 3.35
N PHE A 27 -12.77 14.20 2.66
CA PHE A 27 -11.43 14.30 3.22
C PHE A 27 -10.74 15.47 2.55
N ASP A 28 -9.58 15.84 3.09
CA ASP A 28 -8.81 16.98 2.58
C ASP A 28 -8.10 16.55 1.30
N PHE A 29 -8.68 16.91 0.16
CA PHE A 29 -8.15 16.47 -1.13
C PHE A 29 -6.76 17.00 -1.39
N SER A 30 -6.44 18.18 -0.86
CA SER A 30 -5.13 18.78 -1.06
C SER A 30 -4.09 18.24 -0.10
N ARG A 31 -4.48 17.34 0.81
CA ARG A 31 -3.60 16.78 1.81
C ARG A 31 -3.01 15.44 1.42
N TYR A 32 -3.37 14.88 0.27
CA TYR A 32 -3.02 13.50 -0.06
C TYR A 32 -2.56 13.37 -1.50
N TRP A 33 -1.64 12.44 -1.72
CA TRP A 33 -1.24 12.05 -3.07
C TRP A 33 -2.38 11.36 -3.78
N MET A 34 -2.40 11.46 -5.11
CA MET A 34 -3.44 10.83 -5.90
C MET A 34 -2.80 9.99 -7.01
N SER A 35 -3.55 9.03 -7.53
CA SER A 35 -2.98 8.06 -8.47
C SER A 35 -4.07 7.53 -9.39
N TRP A 36 -3.64 7.09 -10.58
CA TRP A 36 -4.48 6.40 -11.54
C TRP A 36 -3.98 4.97 -11.75
N ALA A 37 -4.92 4.05 -11.91
CA ALA A 37 -4.65 2.65 -12.23
C ALA A 37 -5.78 2.16 -13.12
N ARG A 38 -5.60 1.01 -13.74
CA ARG A 38 -6.61 0.53 -14.69
C ARG A 38 -6.60 -0.99 -14.76
N GLN A 39 -7.72 -1.54 -15.22
CA GLN A 39 -7.93 -2.99 -15.29
C GLN A 39 -8.37 -3.35 -16.71
N ALA A 40 -7.47 -3.96 -17.47
CA ALA A 40 -7.86 -4.56 -18.74
C ALA A 40 -8.73 -5.78 -18.49
N PRO A 41 -9.69 -6.05 -19.37
CA PRO A 41 -10.58 -7.20 -19.14
C PRO A 41 -9.79 -8.50 -19.06
N GLY A 42 -10.09 -9.29 -18.03
CA GLY A 42 -9.44 -10.57 -17.86
C GLY A 42 -7.99 -10.52 -17.42
N LYS A 43 -7.51 -9.36 -16.96
CA LYS A 43 -6.10 -9.18 -16.65
C LYS A 43 -5.96 -8.48 -15.30
N GLY A 44 -4.74 -8.53 -14.76
CA GLY A 44 -4.48 -7.94 -13.48
C GLY A 44 -4.39 -6.43 -13.53
N GLN A 45 -4.36 -5.82 -12.34
CA GLN A 45 -4.29 -4.38 -12.22
C GLN A 45 -2.99 -3.86 -12.81
N GLU A 46 -3.07 -2.74 -13.51
CA GLU A 46 -1.89 -2.06 -14.03
C GLU A 46 -1.83 -0.66 -13.44
N TRP A 47 -0.77 -0.37 -12.71
CA TRP A 47 -0.56 0.97 -12.18
C TRP A 47 -0.31 1.93 -13.34
N ILE A 48 -0.86 3.14 -13.24
CA ILE A 48 -0.70 4.16 -14.27
C ILE A 48 0.20 5.29 -13.79
N GLY A 49 -0.24 6.03 -12.79
CA GLY A 49 0.57 7.17 -12.40
C GLY A 49 0.17 7.73 -11.06
N GLU A 50 0.90 8.78 -10.66
CA GLU A 50 0.71 9.40 -9.35
C GLU A 50 1.11 10.87 -9.41
N ILE A 51 0.54 11.66 -8.51
CA ILE A 51 0.82 13.09 -8.41
C ILE A 51 0.69 13.53 -6.96
N ASN A 52 1.65 14.36 -6.53
CA ASN A 52 1.69 14.96 -5.20
C ASN A 52 0.77 16.17 -5.12
N PRO A 53 0.33 16.56 -3.91
CA PRO A 53 -0.70 17.62 -3.80
C PRO A 53 -0.32 18.94 -4.46
N GLY A 54 0.95 19.30 -4.46
CA GLY A 54 1.34 20.52 -5.11
C GLY A 54 1.56 20.40 -6.61
N SER A 55 1.30 19.21 -7.17
CA SER A 55 1.49 18.89 -8.57
C SER A 55 2.95 18.98 -9.01
N SER A 56 3.86 19.21 -8.08
CA SER A 56 5.28 19.28 -8.41
C SER A 56 5.87 17.94 -8.83
N THR A 57 5.29 16.84 -8.35
CA THR A 57 5.82 15.50 -8.59
C THR A 57 4.75 14.65 -9.28
N ILE A 58 4.96 14.37 -10.56
CA ILE A 58 4.05 13.56 -11.35
C ILE A 58 4.86 12.43 -11.99
N LYS A 59 4.35 11.20 -11.91
CA LYS A 59 5.09 10.04 -12.39
C LYS A 59 4.15 9.09 -13.12
N TYR A 60 4.67 8.47 -14.19
CA TYR A 60 3.91 7.63 -15.08
C TYR A 60 4.61 6.30 -15.30
N THR A 61 3.84 5.32 -15.75
CA THR A 61 4.40 4.09 -16.28
C THR A 61 5.14 4.38 -17.58
N PRO A 62 6.29 3.74 -17.83
CA PRO A 62 7.07 4.11 -19.02
C PRO A 62 6.31 3.99 -20.33
N SER A 63 5.40 3.04 -20.46
CA SER A 63 4.68 2.88 -21.72
C SER A 63 3.77 4.06 -22.02
N LEU A 64 3.24 4.72 -21.00
CA LEU A 64 2.23 5.75 -21.16
C LEU A 64 2.78 7.16 -21.07
N LYS A 65 4.11 7.32 -20.95
CA LYS A 65 4.68 8.62 -20.60
C LYS A 65 4.38 9.69 -21.64
N ASP A 66 4.32 9.31 -22.91
CA ASP A 66 4.05 10.27 -23.98
C ASP A 66 2.59 10.25 -24.42
N LYS A 67 1.74 9.44 -23.80
CA LYS A 67 0.33 9.40 -24.16
C LYS A 67 -0.51 10.18 -23.15
N PHE A 68 -0.70 9.61 -21.97
CA PHE A 68 -1.48 10.23 -20.90
C PHE A 68 -0.71 11.37 -20.24
N ILE A 69 -1.45 12.30 -19.65
CA ILE A 69 -0.89 13.28 -18.73
C ILE A 69 -1.88 13.51 -17.60
N ILE A 70 -1.38 13.41 -16.36
CA ILE A 70 -2.19 13.53 -15.16
C ILE A 70 -2.12 14.96 -14.64
N SER A 71 -3.20 15.40 -13.98
CA SER A 71 -3.26 16.74 -13.41
C SER A 71 -4.28 16.73 -12.28
N ARG A 72 -4.36 17.86 -11.57
CA ARG A 72 -5.35 17.96 -10.50
C ARG A 72 -5.63 19.43 -10.19
N ASP A 73 -6.85 19.68 -9.74
CA ASP A 73 -7.28 20.99 -9.27
C ASP A 73 -7.67 20.85 -7.81
N ASN A 74 -6.84 21.41 -6.92
CA ASN A 74 -7.17 21.43 -5.50
C ASN A 74 -8.33 22.37 -5.21
N ALA A 75 -8.52 23.40 -6.04
CA ALA A 75 -9.66 24.30 -5.84
C ALA A 75 -10.98 23.60 -6.14
N LYS A 76 -10.96 22.60 -7.01
CA LYS A 76 -12.16 21.86 -7.38
C LYS A 76 -12.20 20.46 -6.78
N ASN A 77 -11.20 20.08 -6.00
CA ASN A 77 -11.12 18.74 -5.40
C ASN A 77 -11.21 17.66 -6.47
N THR A 78 -10.50 17.84 -7.58
CA THR A 78 -10.70 16.92 -8.69
C THR A 78 -9.37 16.47 -9.28
N LEU A 79 -9.25 15.17 -9.53
CA LEU A 79 -8.13 14.59 -10.26
C LEU A 79 -8.51 14.43 -11.73
N TYR A 80 -7.51 14.58 -12.60
CA TYR A 80 -7.73 14.54 -14.04
C TYR A 80 -6.71 13.65 -14.72
N LEU A 81 -7.17 12.91 -15.73
CA LEU A 81 -6.32 12.09 -16.58
C LEU A 81 -6.67 12.40 -18.03
N GLN A 82 -5.71 12.97 -18.77
CA GLN A 82 -5.90 13.31 -20.18
C GLN A 82 -5.27 12.22 -21.03
N MET A 83 -6.10 11.53 -21.81
CA MET A 83 -5.66 10.45 -22.68
C MET A 83 -5.77 10.88 -24.13
N SER A 84 -4.85 10.39 -24.95
CA SER A 84 -4.85 10.66 -26.39
C SER A 84 -4.09 9.54 -27.08
N LYS A 85 -4.23 9.50 -28.41
CA LYS A 85 -3.58 8.53 -29.29
C LYS A 85 -3.70 7.10 -28.74
N VAL A 86 -4.92 6.75 -28.33
CA VAL A 86 -5.18 5.46 -27.72
C VAL A 86 -5.18 4.36 -28.78
N SER A 87 -4.89 3.14 -28.34
CA SER A 87 -4.99 1.94 -29.16
C SER A 87 -5.88 0.91 -28.45
N SER A 88 -5.97 -0.29 -29.02
CA SER A 88 -6.82 -1.33 -28.46
C SER A 88 -6.36 -1.78 -27.08
N GLU A 89 -5.08 -1.61 -26.75
CA GLU A 89 -4.58 -2.03 -25.45
C GLU A 89 -5.23 -1.25 -24.31
N ASP A 90 -5.69 -0.03 -24.57
CA ASP A 90 -6.15 0.86 -23.51
C ASP A 90 -7.60 0.59 -23.10
N THR A 91 -8.32 -0.29 -23.80
CA THR A 91 -9.68 -0.63 -23.40
C THR A 91 -9.68 -1.24 -22.02
N ALA A 92 -10.13 -0.49 -21.02
CA ALA A 92 -9.99 -0.93 -19.64
C ALA A 92 -10.96 -0.17 -18.74
N LEU A 93 -11.14 -0.70 -17.54
CA LEU A 93 -11.88 -0.03 -16.48
C LEU A 93 -10.91 0.76 -15.61
N TYR A 94 -11.05 2.08 -15.59
CA TYR A 94 -10.08 2.95 -14.95
C TYR A 94 -10.49 3.31 -13.53
N TYR A 95 -9.57 3.14 -12.58
CA TYR A 95 -9.74 3.53 -11.19
C TYR A 95 -8.86 4.74 -10.86
N CYS A 96 -9.41 5.64 -10.04
CA CYS A 96 -8.63 6.69 -9.40
C CYS A 96 -8.58 6.40 -7.91
N ALA A 97 -7.41 6.61 -7.29
CA ALA A 97 -7.18 6.13 -5.94
C ALA A 97 -6.33 7.11 -5.16
N ARG A 98 -6.54 7.13 -3.85
CA ARG A 98 -5.78 7.95 -2.91
C ARG A 98 -4.67 7.13 -2.28
N TYR A 99 -3.51 7.75 -2.11
CA TYR A 99 -2.46 7.16 -1.30
C TYR A 99 -2.77 7.35 0.18
N GLY A 100 -2.33 6.40 0.99
CA GLY A 100 -2.48 6.53 2.42
C GLY A 100 -1.46 7.48 3.01
N SER A 101 -1.67 7.85 4.26
CA SER A 101 -0.69 8.68 4.95
C SER A 101 0.62 7.93 5.09
N TYR A 102 1.72 8.58 4.72
CA TYR A 102 3.07 8.05 4.86
C TYR A 102 3.24 6.67 4.23
N VAL A 103 2.43 6.33 3.22
CA VAL A 103 2.57 5.06 2.51
C VAL A 103 2.32 5.29 1.02
N TYR A 104 3.07 4.61 0.17
CA TYR A 104 2.85 4.61 -1.27
C TYR A 104 1.89 3.50 -1.68
N ALA A 105 0.78 3.37 -0.96
CA ALA A 105 -0.22 2.35 -1.21
C ALA A 105 -1.58 3.00 -1.44
N MET A 106 -2.43 2.32 -2.19
CA MET A 106 -3.77 2.82 -2.53
C MET A 106 -4.70 2.45 -1.39
N ASP A 107 -4.88 3.36 -0.44
CA ASP A 107 -5.73 3.06 0.71
C ASP A 107 -7.22 3.25 0.43
N TYR A 108 -7.57 3.90 -0.67
CA TYR A 108 -8.97 4.01 -1.07
C TYR A 108 -9.07 4.14 -2.58
N TRP A 109 -9.83 3.22 -3.17
CA TRP A 109 -10.10 3.20 -4.60
C TRP A 109 -11.50 3.69 -4.88
N GLY A 110 -11.67 4.34 -6.03
CA GLY A 110 -12.99 4.63 -6.53
C GLY A 110 -13.56 3.46 -7.29
N PRO A 111 -14.87 3.53 -7.58
CA PRO A 111 -15.48 2.49 -8.43
C PRO A 111 -14.85 2.37 -9.81
N GLY A 112 -14.35 3.47 -10.36
CA GLY A 112 -13.82 3.46 -11.72
C GLY A 112 -14.89 3.73 -12.75
N THR A 113 -14.45 3.84 -14.00
CA THR A 113 -15.39 4.00 -15.10
C THR A 113 -14.75 3.41 -16.35
N SER A 114 -15.61 2.93 -17.26
CA SER A 114 -15.18 2.15 -18.41
C SER A 114 -14.62 3.04 -19.51
N VAL A 115 -13.68 2.48 -20.27
CA VAL A 115 -13.18 3.09 -21.50
C VAL A 115 -13.00 1.97 -22.52
N THR A 116 -13.56 2.15 -23.71
CA THR A 116 -13.42 1.19 -24.80
C THR A 116 -12.89 1.90 -26.03
N VAL A 117 -11.95 1.26 -26.72
CA VAL A 117 -11.32 1.80 -27.92
C VAL A 117 -11.58 0.81 -29.06
N SER A 118 -12.49 1.17 -29.96
CA SER A 118 -12.80 0.32 -31.10
C SER A 118 -13.39 1.17 -32.22
N SER A 119 -13.18 0.71 -33.45
CA SER A 119 -13.71 1.40 -34.62
C SER A 119 -15.22 1.25 -34.75
N ALA A 120 -15.81 0.25 -34.08
CA ALA A 120 -17.26 0.06 -34.12
C ALA A 120 -17.98 1.16 -33.34
N LYS A 121 -19.17 1.51 -33.80
CA LYS A 121 -19.97 2.56 -33.20
C LYS A 121 -20.98 1.99 -32.19
N THR A 122 -21.64 2.91 -31.47
CA THR A 122 -22.53 2.55 -30.39
C THR A 122 -23.77 1.80 -30.90
N THR A 123 -24.33 0.95 -30.04
CA THR A 123 -25.58 0.26 -30.35
C THR A 123 -26.38 0.03 -29.07
N ALA A 124 -27.67 0.38 -29.10
CA ALA A 124 -28.57 0.24 -27.96
C ALA A 124 -29.07 -1.20 -27.84
N PRO A 125 -29.14 -1.74 -26.62
CA PRO A 125 -29.66 -3.10 -26.44
C PRO A 125 -31.14 -3.23 -26.75
N SER A 126 -31.51 -4.41 -27.24
CA SER A 126 -32.88 -4.88 -27.08
C SER A 126 -33.06 -5.49 -25.70
N VAL A 127 -34.26 -5.39 -25.16
CA VAL A 127 -34.58 -5.93 -23.84
C VAL A 127 -35.83 -6.78 -23.98
N TYR A 128 -35.69 -8.08 -23.76
CA TYR A 128 -36.79 -9.03 -23.88
C TYR A 128 -37.06 -9.67 -22.53
N PRO A 129 -38.20 -9.37 -21.89
CA PRO A 129 -38.56 -10.06 -20.64
C PRO A 129 -38.75 -11.56 -20.88
N LEU A 130 -38.35 -12.35 -19.88
CA LEU A 130 -38.46 -13.81 -19.94
C LEU A 130 -39.43 -14.30 -18.87
N ALA A 131 -40.71 -14.47 -19.26
CA ALA A 131 -41.72 -15.12 -18.46
C ALA A 131 -41.49 -16.63 -18.45
N PRO A 132 -41.92 -17.33 -17.39
CA PRO A 132 -41.72 -18.79 -17.33
C PRO A 132 -42.53 -19.53 -18.39
N VAL A 133 -42.48 -20.87 -18.35
CA VAL A 133 -43.12 -21.66 -19.40
C VAL A 133 -44.63 -21.45 -19.36
N CYS A 134 -45.26 -21.51 -20.53
CA CYS A 134 -46.69 -21.19 -20.63
C CYS A 134 -47.54 -22.16 -19.84
N GLY A 135 -47.15 -23.43 -19.77
CA GLY A 135 -47.85 -24.38 -18.94
C GLY A 135 -47.19 -24.48 -17.58
N ASP A 136 -47.15 -23.36 -16.87
CA ASP A 136 -46.31 -23.26 -15.67
C ASP A 136 -46.79 -24.21 -14.58
N THR A 137 -45.82 -24.84 -13.92
CA THR A 137 -46.07 -25.70 -12.76
C THR A 137 -45.62 -24.92 -11.52
N THR A 138 -46.58 -24.39 -10.77
CA THR A 138 -46.24 -23.64 -9.57
C THR A 138 -45.55 -24.55 -8.56
N GLY A 139 -44.45 -24.07 -8.00
CA GLY A 139 -43.77 -24.75 -6.92
C GLY A 139 -43.70 -23.86 -5.70
N SER A 140 -42.74 -24.12 -4.81
CA SER A 140 -42.49 -23.18 -3.73
C SER A 140 -41.97 -21.85 -4.25
N SER A 141 -41.34 -21.86 -5.42
CA SER A 141 -40.72 -20.68 -5.99
C SER A 141 -40.96 -20.63 -7.49
N VAL A 142 -40.86 -19.41 -8.02
CA VAL A 142 -40.91 -19.14 -9.45
C VAL A 142 -39.69 -18.31 -9.80
N THR A 143 -39.24 -18.45 -11.04
CA THR A 143 -38.06 -17.76 -11.54
C THR A 143 -38.42 -17.00 -12.81
N LEU A 144 -38.00 -15.73 -12.86
CA LEU A 144 -38.21 -14.85 -14.00
C LEU A 144 -36.86 -14.44 -14.57
N GLY A 145 -36.84 -14.14 -15.87
CA GLY A 145 -35.63 -13.78 -16.55
C GLY A 145 -35.75 -12.44 -17.26
N CYS A 146 -34.60 -11.92 -17.67
CA CYS A 146 -34.53 -10.69 -18.44
C CYS A 146 -33.35 -10.81 -19.39
N LEU A 147 -33.60 -10.59 -20.69
CA LEU A 147 -32.61 -10.85 -21.73
C LEU A 147 -32.22 -9.53 -22.40
N VAL A 148 -30.98 -9.10 -22.19
CA VAL A 148 -30.41 -7.93 -22.84
C VAL A 148 -29.58 -8.42 -24.03
N LYS A 149 -29.84 -7.86 -25.21
CA LYS A 149 -29.32 -8.47 -26.44
C LYS A 149 -28.79 -7.43 -27.40
N GLY A 150 -27.56 -7.63 -27.87
CA GLY A 150 -27.06 -6.90 -29.02
C GLY A 150 -26.63 -5.46 -28.81
N TYR A 151 -26.18 -5.11 -27.61
CA TYR A 151 -25.69 -3.76 -27.35
C TYR A 151 -24.17 -3.68 -27.52
N PHE A 152 -23.70 -2.45 -27.75
CA PHE A 152 -22.28 -2.14 -27.72
C PHE A 152 -22.07 -0.66 -27.40
N PRO A 153 -21.06 -0.33 -26.59
CA PRO A 153 -20.20 -1.28 -25.87
C PRO A 153 -20.57 -1.42 -24.40
N GLU A 154 -19.63 -1.94 -23.62
CA GLU A 154 -19.77 -2.01 -22.17
C GLU A 154 -19.62 -0.61 -21.57
N PRO A 155 -20.22 -0.37 -20.40
CA PRO A 155 -21.01 -1.32 -19.61
C PRO A 155 -22.52 -1.21 -19.82
N VAL A 156 -23.25 -1.92 -18.97
CA VAL A 156 -24.71 -1.85 -18.93
C VAL A 156 -25.12 -2.19 -17.50
N THR A 157 -26.14 -1.48 -17.00
CA THR A 157 -26.60 -1.72 -15.63
C THR A 157 -27.99 -2.34 -15.65
N LEU A 158 -28.21 -3.31 -14.76
CA LEU A 158 -29.46 -4.04 -14.69
C LEU A 158 -29.83 -4.26 -13.24
N THR A 159 -31.02 -3.82 -12.85
CA THR A 159 -31.54 -4.06 -11.51
C THR A 159 -32.97 -4.56 -11.62
N TRP A 160 -33.54 -4.98 -10.49
CA TRP A 160 -34.91 -5.47 -10.44
C TRP A 160 -35.72 -4.60 -9.50
N ASN A 161 -36.85 -4.09 -9.99
CA ASN A 161 -37.70 -3.15 -9.26
C ASN A 161 -36.89 -1.93 -8.80
N SER A 162 -36.01 -1.45 -9.67
CA SER A 162 -35.10 -0.34 -9.37
C SER A 162 -34.24 -0.64 -8.14
N GLY A 163 -33.79 -1.89 -8.04
CA GLY A 163 -32.98 -2.33 -6.91
C GLY A 163 -33.76 -2.76 -5.68
N SER A 164 -35.10 -2.73 -5.73
CA SER A 164 -35.88 -3.17 -4.58
C SER A 164 -35.69 -4.66 -4.31
N LEU A 165 -35.45 -5.45 -5.36
CA LEU A 165 -35.25 -6.88 -5.22
C LEU A 165 -33.75 -7.15 -5.12
N SER A 166 -33.35 -7.85 -4.05
CA SER A 166 -31.93 -8.04 -3.77
C SER A 166 -31.52 -9.51 -3.83
N SER A 167 -31.99 -10.34 -2.90
CA SER A 167 -31.61 -11.75 -2.89
C SER A 167 -32.28 -12.50 -4.03
N GLY A 168 -31.62 -13.57 -4.46
CA GLY A 168 -32.13 -14.39 -5.55
C GLY A 168 -31.81 -13.88 -6.93
N VAL A 169 -31.10 -12.77 -7.05
CA VAL A 169 -30.70 -12.25 -8.35
C VAL A 169 -29.42 -12.94 -8.80
N HIS A 170 -29.31 -13.19 -10.10
CA HIS A 170 -28.10 -13.74 -10.69
C HIS A 170 -27.90 -13.04 -12.03
N THR A 171 -26.96 -12.09 -12.07
CA THR A 171 -26.66 -11.31 -13.27
C THR A 171 -25.33 -11.79 -13.85
N PHE A 172 -25.40 -12.40 -15.01
CA PHE A 172 -24.27 -13.04 -15.66
C PHE A 172 -23.37 -12.05 -16.39
N PRO A 173 -22.08 -12.34 -16.50
CA PRO A 173 -21.20 -11.50 -17.33
C PRO A 173 -21.62 -11.54 -18.79
N ALA A 174 -21.45 -10.40 -19.45
CA ALA A 174 -21.80 -10.31 -20.87
C ALA A 174 -20.88 -11.19 -21.71
N VAL A 175 -21.48 -11.82 -22.72
CA VAL A 175 -20.73 -12.62 -23.69
C VAL A 175 -20.67 -11.83 -25.00
N LEU A 176 -19.49 -11.81 -25.61
CA LEU A 176 -19.30 -11.11 -26.87
C LEU A 176 -19.63 -12.01 -28.04
N GLN A 177 -20.18 -11.41 -29.10
CA GLN A 177 -20.50 -12.14 -30.32
C GLN A 177 -20.40 -11.16 -31.49
N SER A 178 -19.31 -11.26 -32.25
CA SER A 178 -19.08 -10.45 -33.45
C SER A 178 -19.49 -9.00 -33.26
N ASP A 179 -18.73 -8.27 -32.45
CA ASP A 179 -18.91 -6.85 -32.15
C ASP A 179 -20.21 -6.54 -31.41
N LEU A 180 -20.91 -7.54 -30.88
CA LEU A 180 -22.16 -7.27 -30.17
C LEU A 180 -22.23 -8.11 -28.90
N TYR A 181 -22.31 -7.42 -27.76
CA TYR A 181 -22.45 -8.05 -26.46
C TYR A 181 -23.88 -8.53 -26.22
N THR A 182 -24.00 -9.52 -25.33
CA THR A 182 -25.30 -9.99 -24.88
C THR A 182 -25.19 -10.35 -23.41
N LEU A 183 -26.22 -10.00 -22.63
CA LEU A 183 -26.26 -10.23 -21.20
C LEU A 183 -27.64 -10.77 -20.83
N SER A 184 -27.72 -11.40 -19.66
CA SER A 184 -28.97 -11.95 -19.18
C SER A 184 -28.97 -11.91 -17.66
N SER A 185 -30.16 -12.00 -17.08
CA SER A 185 -30.26 -12.02 -15.63
C SER A 185 -31.47 -12.84 -15.20
N SER A 186 -31.33 -13.49 -14.05
CA SER A 186 -32.38 -14.31 -13.47
C SER A 186 -32.73 -13.80 -12.08
N VAL A 187 -33.96 -14.07 -11.65
CA VAL A 187 -34.40 -13.73 -10.31
C VAL A 187 -35.41 -14.78 -9.87
N THR A 188 -35.40 -15.12 -8.59
CA THR A 188 -36.25 -16.17 -8.05
C THR A 188 -36.96 -15.67 -6.82
N VAL A 189 -38.28 -15.84 -6.78
CA VAL A 189 -39.12 -15.35 -5.69
C VAL A 189 -40.14 -16.43 -5.35
N THR A 190 -40.81 -16.25 -4.20
CA THR A 190 -41.82 -17.20 -3.77
C THR A 190 -43.01 -17.17 -4.71
N SER A 191 -43.70 -18.32 -4.82
CA SER A 191 -44.89 -18.40 -5.64
C SER A 191 -46.01 -17.49 -5.13
N SER A 192 -46.00 -17.18 -3.84
CA SER A 192 -46.98 -16.26 -3.29
C SER A 192 -46.71 -14.80 -3.65
N THR A 193 -45.48 -14.48 -4.06
CA THR A 193 -45.14 -13.10 -4.42
C THR A 193 -45.46 -12.77 -5.87
N TRP A 194 -45.31 -13.73 -6.77
CA TRP A 194 -45.56 -13.49 -8.19
C TRP A 194 -46.52 -14.56 -8.71
N PRO A 195 -47.41 -14.21 -9.65
CA PRO A 195 -47.60 -12.89 -10.25
C PRO A 195 -48.43 -11.91 -9.43
N SER A 196 -48.59 -12.18 -8.13
CA SER A 196 -49.42 -11.31 -7.30
C SER A 196 -48.83 -9.90 -7.19
N GLN A 197 -47.51 -9.77 -7.22
CA GLN A 197 -46.87 -8.47 -7.17
C GLN A 197 -46.07 -8.23 -8.44
N SER A 198 -46.03 -6.97 -8.87
CA SER A 198 -45.30 -6.62 -10.08
C SER A 198 -43.81 -6.85 -9.90
N ILE A 199 -43.16 -7.31 -10.97
CA ILE A 199 -41.72 -7.50 -11.02
C ILE A 199 -41.23 -6.96 -12.35
N THR A 200 -40.28 -6.04 -12.32
CA THR A 200 -39.76 -5.38 -13.51
C THR A 200 -38.24 -5.47 -13.49
N CYS A 201 -37.63 -5.63 -14.65
CA CYS A 201 -36.19 -5.45 -14.78
C CYS A 201 -35.91 -4.09 -15.41
N ASN A 202 -35.06 -3.31 -14.75
CA ASN A 202 -34.62 -2.00 -15.22
C ASN A 202 -33.25 -2.13 -15.86
N VAL A 203 -33.11 -1.62 -17.08
CA VAL A 203 -31.90 -1.74 -17.87
C VAL A 203 -31.48 -0.35 -18.31
N ALA A 204 -30.18 -0.06 -18.20
CA ALA A 204 -29.64 1.23 -18.58
C ALA A 204 -28.36 1.04 -19.38
N HIS A 205 -28.29 1.75 -20.50
CA HIS A 205 -27.11 1.80 -21.37
C HIS A 205 -26.70 3.25 -21.49
N PRO A 206 -25.72 3.70 -20.69
CA PRO A 206 -25.28 5.10 -20.79
C PRO A 206 -24.73 5.47 -22.15
N ALA A 207 -24.14 4.53 -22.88
CA ALA A 207 -23.40 4.87 -24.09
C ALA A 207 -24.27 5.52 -25.16
N SER A 208 -25.58 5.28 -25.14
CA SER A 208 -26.47 5.91 -26.12
C SER A 208 -27.73 6.45 -25.44
N SER A 209 -27.60 6.84 -24.16
CA SER A 209 -28.71 7.46 -23.42
C SER A 209 -29.95 6.57 -23.40
N THR A 210 -29.74 5.26 -23.26
CA THR A 210 -30.83 4.31 -23.31
C THR A 210 -31.27 3.93 -21.90
N LYS A 211 -32.58 3.91 -21.67
CA LYS A 211 -33.16 3.53 -20.38
C LYS A 211 -34.48 2.82 -20.65
N VAL A 212 -34.52 1.52 -20.40
CA VAL A 212 -35.70 0.71 -20.67
C VAL A 212 -36.10 -0.03 -19.40
N ASP A 213 -37.40 -0.17 -19.19
CA ASP A 213 -37.95 -1.02 -18.15
C ASP A 213 -38.79 -2.11 -18.80
N LYS A 214 -38.82 -3.29 -18.19
CA LYS A 214 -39.59 -4.40 -18.73
C LYS A 214 -40.28 -5.14 -17.60
N LYS A 215 -41.61 -5.06 -17.57
CA LYS A 215 -42.40 -5.73 -16.55
C LYS A 215 -42.68 -7.17 -16.99
N ILE A 216 -42.47 -8.11 -16.08
CA ILE A 216 -42.68 -9.53 -16.36
C ILE A 216 -44.12 -9.89 -16.05
N GLU A 217 -44.82 -10.47 -17.03
CA GLU A 217 -46.16 -10.95 -16.82
C GLU A 217 -46.32 -12.33 -17.44
N PRO A 218 -47.19 -13.17 -16.88
CA PRO A 218 -47.30 -14.56 -17.34
C PRO A 218 -47.74 -14.65 -18.79
N ARG A 219 -47.23 -15.68 -19.48
CA ARG A 219 -47.63 -15.93 -20.85
C ARG A 219 -49.11 -16.31 -20.90
N GLY A 220 -49.80 -15.80 -21.91
CA GLY A 220 -51.21 -16.05 -22.05
C GLY A 220 -51.95 -14.87 -22.64
N PRO A 221 -53.28 -14.95 -22.65
CA PRO A 221 -54.09 -13.86 -23.21
C PRO A 221 -53.93 -12.56 -22.43
N THR A 222 -54.01 -11.45 -23.16
CA THR A 222 -54.06 -10.12 -22.54
C THR A 222 -54.91 -9.18 -23.39
N SER B 1 11.63 -0.76 -14.83
CA SER B 1 10.38 -1.29 -14.30
C SER B 1 10.56 -2.64 -13.61
N ILE B 2 10.23 -2.69 -12.33
CA ILE B 2 10.30 -3.93 -11.56
C ILE B 2 9.11 -4.81 -11.90
N VAL B 3 9.31 -6.13 -11.83
CA VAL B 3 8.27 -7.11 -12.10
C VAL B 3 7.97 -7.89 -10.83
N MET B 4 6.69 -8.22 -10.63
CA MET B 4 6.22 -8.90 -9.43
C MET B 4 5.58 -10.21 -9.83
N THR B 5 6.25 -11.33 -9.53
CA THR B 5 5.75 -12.66 -9.83
C THR B 5 5.02 -13.22 -8.62
N GLN B 6 3.77 -13.64 -8.81
CA GLN B 6 2.92 -14.10 -7.72
C GLN B 6 2.63 -15.60 -7.89
N THR B 7 2.87 -16.36 -6.81
CA THR B 7 2.54 -17.78 -6.83
C THR B 7 1.74 -18.17 -5.58
N PRO B 8 0.62 -18.89 -5.76
CA PRO B 8 0.05 -19.41 -7.01
C PRO B 8 -0.96 -18.49 -7.67
N LYS B 9 -1.85 -19.06 -8.49
CA LYS B 9 -2.85 -18.31 -9.23
C LYS B 9 -4.28 -18.65 -8.82
N PHE B 10 -4.61 -19.93 -8.75
CA PHE B 10 -5.93 -20.40 -8.32
C PHE B 10 -5.77 -21.17 -7.02
N LEU B 11 -6.68 -20.92 -6.08
CA LEU B 11 -6.67 -21.61 -4.78
C LEU B 11 -8.10 -22.04 -4.47
N LEU B 12 -8.28 -23.35 -4.28
CA LEU B 12 -9.57 -23.91 -3.89
C LEU B 12 -9.36 -24.64 -2.57
N VAL B 13 -10.09 -24.20 -1.53
CA VAL B 13 -9.86 -24.68 -0.18
C VAL B 13 -11.17 -24.58 0.59
N SER B 14 -11.26 -25.34 1.68
CA SER B 14 -12.40 -25.30 2.58
C SER B 14 -12.19 -24.25 3.66
N ALA B 15 -13.29 -23.87 4.32
CA ALA B 15 -13.23 -22.92 5.42
C ALA B 15 -12.53 -23.53 6.63
N GLY B 16 -11.91 -22.66 7.43
CA GLY B 16 -11.13 -23.09 8.57
C GLY B 16 -9.70 -23.47 8.24
N ASP B 17 -9.30 -23.37 6.98
CA ASP B 17 -7.96 -23.75 6.54
C ASP B 17 -7.08 -22.51 6.41
N ARG B 18 -5.79 -22.68 6.73
CA ARG B 18 -4.79 -21.65 6.48
C ARG B 18 -4.39 -21.60 5.02
N ILE B 19 -3.96 -20.42 4.57
CA ILE B 19 -3.42 -20.24 3.22
C ILE B 19 -2.30 -19.21 3.25
N THR B 20 -1.37 -19.33 2.29
CA THR B 20 -0.23 -18.43 2.20
C THR B 20 0.21 -18.30 0.74
N ILE B 21 -0.14 -17.18 0.12
CA ILE B 21 0.40 -16.77 -1.17
C ILE B 21 1.79 -16.18 -0.98
N THR B 22 2.62 -16.23 -2.04
CA THR B 22 3.93 -15.60 -2.01
C THR B 22 4.15 -14.72 -3.24
N CYS B 23 4.97 -13.68 -3.05
CA CYS B 23 5.23 -12.65 -4.04
C CYS B 23 6.75 -12.45 -4.14
N LYS B 24 7.30 -12.62 -5.34
CA LYS B 24 8.74 -12.52 -5.56
C LYS B 24 9.03 -11.41 -6.57
N ALA B 25 9.88 -10.47 -6.20
CA ALA B 25 10.21 -9.32 -7.01
C ALA B 25 11.51 -9.56 -7.79
N SER B 26 11.61 -8.90 -8.95
CA SER B 26 12.80 -9.02 -9.77
C SER B 26 14.03 -8.36 -9.15
N GLN B 27 13.85 -7.42 -8.23
CA GLN B 27 14.95 -6.72 -7.58
C GLN B 27 14.57 -6.47 -6.13
N SER B 28 15.57 -6.08 -5.34
CA SER B 28 15.29 -5.72 -3.96
C SER B 28 14.36 -4.52 -3.91
N VAL B 29 13.34 -4.61 -3.06
CA VAL B 29 12.34 -3.56 -2.95
C VAL B 29 12.12 -3.22 -1.48
N ARG B 30 13.13 -3.50 -0.66
CA ARG B 30 13.17 -3.09 0.74
C ARG B 30 11.96 -3.71 1.45
N ASN B 31 11.25 -2.97 2.30
CA ASN B 31 10.09 -3.45 3.02
C ASN B 31 8.77 -2.97 2.43
N ASP B 32 8.80 -2.26 1.30
CA ASP B 32 7.63 -1.57 0.77
C ASP B 32 6.84 -2.51 -0.13
N VAL B 33 5.88 -3.22 0.47
CA VAL B 33 4.97 -4.08 -0.27
C VAL B 33 3.58 -3.96 0.35
N ALA B 34 2.56 -3.91 -0.50
CA ALA B 34 1.17 -3.84 -0.06
C ALA B 34 0.41 -5.06 -0.57
N TRP B 35 -0.61 -5.47 0.18
CA TRP B 35 -1.50 -6.56 -0.20
C TRP B 35 -2.93 -6.05 -0.21
N TYR B 36 -3.63 -6.32 -1.32
CA TYR B 36 -5.00 -5.88 -1.55
C TYR B 36 -5.92 -7.08 -1.80
N GLN B 37 -7.18 -6.89 -1.44
CA GLN B 37 -8.25 -7.83 -1.74
C GLN B 37 -9.35 -7.08 -2.50
N GLN B 38 -9.83 -7.67 -3.59
CA GLN B 38 -11.07 -7.22 -4.20
C GLN B 38 -12.02 -8.40 -4.32
N LYS B 39 -13.13 -8.33 -3.59
CA LYS B 39 -14.19 -9.30 -3.75
C LYS B 39 -14.85 -9.08 -5.11
N PRO B 40 -15.50 -10.09 -5.67
CA PRO B 40 -16.10 -9.91 -6.99
C PRO B 40 -17.11 -8.78 -6.98
N GLY B 41 -17.09 -7.99 -8.04
CA GLY B 41 -17.94 -6.81 -8.09
C GLY B 41 -17.50 -5.66 -7.22
N GLN B 42 -16.30 -5.72 -6.64
CA GLN B 42 -15.83 -4.70 -5.72
C GLN B 42 -14.50 -4.11 -6.19
N SER B 43 -14.30 -2.84 -5.86
CA SER B 43 -13.00 -2.22 -6.06
C SER B 43 -12.02 -2.74 -5.02
N PRO B 44 -10.73 -2.77 -5.33
CA PRO B 44 -9.75 -3.34 -4.39
C PRO B 44 -9.73 -2.56 -3.08
N LYS B 45 -9.53 -3.29 -2.00
CA LYS B 45 -9.38 -2.73 -0.67
C LYS B 45 -7.99 -3.04 -0.14
N LEU B 46 -7.37 -2.03 0.49
CA LEU B 46 -6.06 -2.24 1.10
C LEU B 46 -6.17 -3.14 2.31
N LEU B 47 -5.19 -4.00 2.49
CA LEU B 47 -5.14 -4.89 3.64
C LEU B 47 -3.79 -4.87 4.36
N ILE B 48 -2.68 -4.88 3.62
CA ILE B 48 -1.36 -4.90 4.24
C ILE B 48 -0.48 -3.84 3.59
N TYR B 49 0.35 -3.17 4.39
CA TYR B 49 1.30 -2.19 3.88
C TYR B 49 2.62 -2.34 4.62
N PHE B 50 3.70 -2.02 3.92
CA PHE B 50 5.05 -2.26 4.40
C PHE B 50 5.23 -3.72 4.82
N ALA B 51 4.63 -4.62 4.02
CA ALA B 51 4.82 -6.06 4.08
C ALA B 51 4.20 -6.72 5.31
N SER B 52 4.23 -6.05 6.47
CA SER B 52 3.82 -6.73 7.69
C SER B 52 2.96 -5.87 8.61
N ASN B 53 2.31 -4.83 8.11
CA ASN B 53 1.46 -3.97 8.92
C ASN B 53 0.00 -4.13 8.54
N ARG B 54 -0.86 -4.23 9.55
CA ARG B 54 -2.30 -4.15 9.31
C ARG B 54 -2.69 -2.73 8.90
N TYR B 55 -3.58 -2.64 7.93
CA TYR B 55 -4.30 -1.38 7.77
C TYR B 55 -5.41 -1.30 8.81
N THR B 56 -5.82 -0.07 9.12
CA THR B 56 -6.88 0.11 10.10
C THR B 56 -8.16 -0.56 9.62
N GLY B 57 -8.83 -1.27 10.53
CA GLY B 57 -10.05 -1.99 10.21
C GLY B 57 -9.85 -3.33 9.56
N VAL B 58 -8.61 -3.82 9.45
CA VAL B 58 -8.32 -5.10 8.81
C VAL B 58 -8.44 -6.22 9.84
N PRO B 59 -9.25 -7.24 9.57
CA PRO B 59 -9.42 -8.35 10.52
C PRO B 59 -8.13 -9.13 10.71
N ASP B 60 -8.00 -9.71 11.92
CA ASP B 60 -6.72 -10.28 12.37
C ASP B 60 -6.27 -11.44 11.51
N ARG B 61 -7.18 -12.13 10.82
CA ARG B 61 -6.80 -13.34 10.11
C ARG B 61 -5.75 -13.06 9.04
N PHE B 62 -5.73 -11.85 8.52
CA PHE B 62 -4.79 -11.46 7.47
C PHE B 62 -3.46 -11.04 8.09
N THR B 63 -2.37 -11.59 7.54
CA THR B 63 -1.02 -11.25 7.98
C THR B 63 -0.11 -11.25 6.77
N GLY B 64 1.02 -10.54 6.89
CA GLY B 64 2.01 -10.53 5.84
C GLY B 64 3.41 -10.56 6.42
N SER B 65 4.36 -10.97 5.60
CA SER B 65 5.75 -11.12 6.01
C SER B 65 6.62 -11.24 4.77
N GLY B 66 7.85 -11.69 4.96
CA GLY B 66 8.83 -11.80 3.90
C GLY B 66 9.94 -10.79 4.04
N SER B 67 11.05 -11.07 3.37
CA SER B 67 12.22 -10.21 3.38
C SER B 67 12.75 -10.08 1.95
N GLY B 68 13.34 -8.91 1.68
CA GLY B 68 14.06 -8.67 0.45
C GLY B 68 13.31 -9.04 -0.81
N THR B 69 13.79 -10.08 -1.49
CA THR B 69 13.21 -10.45 -2.78
C THR B 69 11.79 -10.98 -2.64
N ASP B 70 11.46 -11.63 -1.54
CA ASP B 70 10.26 -12.44 -1.48
C ASP B 70 9.45 -12.16 -0.23
N PHE B 71 8.13 -12.35 -0.35
CA PHE B 71 7.18 -11.99 0.67
C PHE B 71 6.05 -13.02 0.70
N THR B 72 5.34 -13.08 1.82
CA THR B 72 4.22 -13.99 1.98
C THR B 72 3.02 -13.24 2.52
N PHE B 73 1.84 -13.66 2.07
CA PHE B 73 0.56 -13.21 2.60
C PHE B 73 -0.18 -14.44 3.11
N THR B 74 -0.87 -14.29 4.24
CA THR B 74 -1.39 -15.46 4.95
C THR B 74 -2.74 -15.16 5.56
N ILE B 75 -3.67 -16.10 5.39
CA ILE B 75 -4.94 -16.10 6.13
C ILE B 75 -4.92 -17.29 7.07
N SER B 76 -5.30 -17.06 8.33
CA SER B 76 -5.24 -18.10 9.35
C SER B 76 -6.46 -19.00 9.32
N THR B 77 -7.66 -18.45 9.15
CA THR B 77 -8.89 -19.23 9.11
C THR B 77 -9.75 -18.63 8.00
N VAL B 78 -9.64 -19.20 6.80
CA VAL B 78 -10.35 -18.66 5.65
C VAL B 78 -11.85 -18.80 5.86
N GLN B 79 -12.59 -17.77 5.48
CA GLN B 79 -14.03 -17.72 5.62
C GLN B 79 -14.68 -17.51 4.27
N ALA B 80 -16.00 -17.75 4.22
CA ALA B 80 -16.72 -17.63 2.95
C ALA B 80 -16.69 -16.21 2.40
N GLU B 81 -16.62 -15.20 3.28
CA GLU B 81 -16.53 -13.83 2.82
C GLU B 81 -15.19 -13.53 2.15
N ASP B 82 -14.17 -14.34 2.41
CA ASP B 82 -12.83 -14.10 1.91
C ASP B 82 -12.64 -14.59 0.47
N LEU B 83 -13.65 -15.19 -0.14
CA LEU B 83 -13.59 -15.45 -1.57
C LEU B 83 -13.32 -14.14 -2.29
N ALA B 84 -12.20 -14.09 -3.03
CA ALA B 84 -11.73 -12.80 -3.53
C ALA B 84 -10.54 -12.90 -4.47
N VAL B 85 -10.06 -11.77 -4.96
CA VAL B 85 -8.82 -11.72 -5.72
C VAL B 85 -7.81 -10.91 -4.91
N TYR B 86 -6.72 -11.56 -4.49
CA TYR B 86 -5.69 -10.89 -3.70
C TYR B 86 -4.48 -10.62 -4.57
N PHE B 87 -3.80 -9.50 -4.32
CA PHE B 87 -2.57 -9.26 -5.06
C PHE B 87 -1.65 -8.29 -4.32
N CYS B 88 -0.36 -8.41 -4.61
CA CYS B 88 0.71 -7.61 -4.03
C CYS B 88 1.09 -6.44 -4.93
N GLN B 89 1.75 -5.45 -4.35
CA GLN B 89 2.22 -4.28 -5.07
C GLN B 89 3.50 -3.77 -4.43
N GLN B 90 4.48 -3.38 -5.25
CA GLN B 90 5.74 -2.86 -4.75
C GLN B 90 5.68 -1.33 -4.70
N GLY B 91 6.03 -0.76 -3.55
CA GLY B 91 6.00 0.68 -3.39
C GLY B 91 7.36 1.36 -3.39
N TYR B 92 8.44 0.60 -3.62
CA TYR B 92 9.77 1.17 -3.44
C TYR B 92 10.10 2.22 -4.50
N THR B 93 9.67 2.00 -5.73
CA THR B 93 10.06 2.92 -6.80
C THR B 93 9.05 2.85 -7.93
N SER B 94 8.94 3.95 -8.66
CA SER B 94 8.11 4.03 -9.85
C SER B 94 8.76 3.36 -11.05
N PRO B 95 7.96 2.68 -11.90
CA PRO B 95 6.54 2.36 -11.70
C PRO B 95 6.30 1.43 -10.52
N ARG B 96 5.18 1.64 -9.82
CA ARG B 96 4.83 0.82 -8.66
C ARG B 96 3.93 -0.33 -9.13
N THR B 97 4.58 -1.33 -9.73
CA THR B 97 3.88 -2.38 -10.46
C THR B 97 3.14 -3.32 -9.51
N PHE B 98 2.03 -3.87 -10.01
CA PHE B 98 1.23 -4.86 -9.32
C PHE B 98 1.65 -6.28 -9.69
N GLY B 99 1.18 -7.24 -8.91
CA GLY B 99 1.32 -8.64 -9.24
C GLY B 99 0.19 -9.12 -10.15
N GLY B 100 0.25 -10.41 -10.48
CA GLY B 100 -0.72 -11.03 -11.38
C GLY B 100 -2.03 -11.46 -10.77
N GLY B 101 -2.19 -11.36 -9.46
CA GLY B 101 -3.44 -11.69 -8.81
C GLY B 101 -3.53 -13.15 -8.42
N THR B 102 -4.43 -13.42 -7.48
CA THR B 102 -4.64 -14.77 -6.97
C THR B 102 -6.10 -14.90 -6.57
N LYS B 103 -6.87 -15.62 -7.39
CA LYS B 103 -8.25 -15.92 -7.09
C LYS B 103 -8.32 -16.93 -5.95
N LEU B 104 -9.29 -16.72 -5.05
CA LEU B 104 -9.50 -17.58 -3.89
C LEU B 104 -10.99 -17.90 -3.79
N GLU B 105 -11.31 -19.19 -3.95
CA GLU B 105 -12.68 -19.69 -3.89
C GLU B 105 -12.75 -20.83 -2.87
N ILE B 106 -13.96 -21.08 -2.37
CA ILE B 106 -14.15 -21.88 -1.16
C ILE B 106 -14.88 -23.18 -1.49
N LYS B 107 -14.53 -24.22 -0.74
CA LYS B 107 -15.27 -25.47 -0.77
C LYS B 107 -16.59 -25.34 -0.01
N ARG B 108 -17.56 -26.16 -0.42
CA ARG B 108 -18.81 -26.29 0.32
C ARG B 108 -19.46 -27.61 -0.06
N ALA B 109 -20.54 -27.94 0.64
CA ALA B 109 -21.32 -29.12 0.30
C ALA B 109 -21.91 -28.98 -1.09
N ASP B 110 -21.88 -30.06 -1.85
CA ASP B 110 -22.31 -30.04 -3.24
C ASP B 110 -23.83 -29.85 -3.34
N ALA B 111 -24.26 -29.25 -4.44
CA ALA B 111 -25.68 -28.94 -4.62
C ALA B 111 -26.10 -29.20 -6.06
N ALA B 112 -27.34 -29.65 -6.21
CA ALA B 112 -27.90 -29.88 -7.53
C ALA B 112 -28.35 -28.55 -8.13
N PRO B 113 -28.07 -28.29 -9.42
CA PRO B 113 -28.54 -27.05 -10.04
C PRO B 113 -30.06 -26.95 -10.07
N THR B 114 -30.56 -25.74 -9.90
CA THR B 114 -31.98 -25.45 -10.10
C THR B 114 -32.16 -24.90 -11.51
N VAL B 115 -32.79 -25.69 -12.38
CA VAL B 115 -32.86 -25.40 -13.81
C VAL B 115 -34.25 -24.88 -14.17
N SER B 116 -34.29 -23.89 -15.06
CA SER B 116 -35.53 -23.38 -15.64
C SER B 116 -35.30 -23.08 -17.11
N ILE B 117 -36.29 -23.37 -17.95
CA ILE B 117 -36.22 -23.13 -19.38
C ILE B 117 -37.24 -22.07 -19.75
N PHE B 118 -36.84 -21.17 -20.64
CA PHE B 118 -37.64 -19.99 -21.00
C PHE B 118 -37.71 -19.86 -22.51
N PRO B 119 -38.88 -19.97 -23.11
CA PRO B 119 -39.05 -19.77 -24.55
C PRO B 119 -38.87 -18.31 -24.93
N PRO B 120 -38.66 -18.01 -26.21
CA PRO B 120 -38.38 -16.64 -26.61
C PRO B 120 -39.53 -15.69 -26.27
N SER B 121 -39.14 -14.46 -25.91
CA SER B 121 -40.09 -13.46 -25.44
C SER B 121 -41.06 -13.06 -26.54
N SER B 122 -42.28 -12.68 -26.13
CA SER B 122 -43.29 -12.27 -27.09
C SER B 122 -42.82 -11.06 -27.91
N GLU B 123 -42.08 -10.15 -27.29
CA GLU B 123 -41.58 -8.98 -28.00
C GLU B 123 -40.50 -9.34 -29.01
N GLN B 124 -39.76 -10.41 -28.78
CA GLN B 124 -38.54 -10.67 -29.56
C GLN B 124 -38.84 -11.19 -30.96
N LEU B 125 -39.89 -11.97 -31.14
CA LEU B 125 -40.13 -12.60 -32.44
C LEU B 125 -40.40 -11.59 -33.53
N THR B 126 -40.78 -10.37 -33.16
CA THR B 126 -40.95 -9.30 -34.15
C THR B 126 -39.64 -8.99 -34.87
N SER B 127 -38.50 -9.17 -34.20
CA SER B 127 -37.20 -8.82 -34.77
C SER B 127 -36.64 -9.90 -35.67
N GLY B 128 -37.32 -11.03 -35.84
CA GLY B 128 -36.88 -12.09 -36.72
C GLY B 128 -35.93 -13.09 -36.12
N GLY B 129 -35.56 -12.94 -34.85
CA GLY B 129 -34.74 -13.92 -34.17
C GLY B 129 -35.39 -14.38 -32.88
N ALA B 130 -35.20 -15.65 -32.57
CA ALA B 130 -35.76 -16.26 -31.37
C ALA B 130 -34.62 -16.68 -30.44
N SER B 131 -34.77 -16.39 -29.15
CA SER B 131 -33.75 -16.71 -28.15
C SER B 131 -34.37 -17.61 -27.09
N VAL B 132 -33.94 -18.88 -27.07
CA VAL B 132 -34.31 -19.81 -26.01
C VAL B 132 -33.26 -19.71 -24.91
N VAL B 133 -33.71 -19.55 -23.67
CA VAL B 133 -32.81 -19.32 -22.55
C VAL B 133 -32.99 -20.43 -21.53
N CYS B 134 -31.89 -20.82 -20.88
CA CYS B 134 -31.92 -21.83 -19.84
C CYS B 134 -31.04 -21.39 -18.68
N PHE B 135 -31.63 -21.30 -17.50
CA PHE B 135 -30.92 -20.92 -16.29
C PHE B 135 -30.66 -22.14 -15.41
N LEU B 136 -29.47 -22.19 -14.83
CA LEU B 136 -29.06 -23.25 -13.91
C LEU B 136 -28.43 -22.55 -12.71
N ASN B 137 -29.24 -22.29 -11.69
CA ASN B 137 -28.81 -21.48 -10.56
C ASN B 137 -28.40 -22.33 -9.37
N ASN B 138 -27.45 -21.79 -8.60
CA ASN B 138 -27.06 -22.31 -7.28
C ASN B 138 -26.67 -23.78 -7.33
N PHE B 139 -25.40 -24.05 -7.67
CA PHE B 139 -24.92 -25.42 -7.74
C PHE B 139 -23.44 -25.45 -7.38
N TYR B 140 -23.04 -26.52 -6.69
CA TYR B 140 -21.63 -26.79 -6.44
C TYR B 140 -21.42 -28.29 -6.72
N PRO B 141 -20.22 -28.68 -7.19
CA PRO B 141 -19.01 -27.91 -7.47
C PRO B 141 -19.00 -27.08 -8.76
N LYS B 142 -17.77 -26.82 -9.24
CA LYS B 142 -17.57 -25.84 -10.30
C LYS B 142 -18.19 -26.28 -11.62
N ASP B 143 -17.89 -27.49 -12.07
CA ASP B 143 -18.11 -27.87 -13.46
C ASP B 143 -19.52 -28.42 -13.68
N ILE B 144 -20.10 -28.07 -14.82
CA ILE B 144 -21.42 -28.56 -15.22
C ILE B 144 -21.50 -28.46 -16.72
N ASN B 145 -22.22 -29.39 -17.35
CA ASN B 145 -22.29 -29.43 -18.81
C ASN B 145 -23.73 -29.46 -19.26
N VAL B 146 -24.09 -28.60 -20.21
CA VAL B 146 -25.46 -28.45 -20.68
C VAL B 146 -25.53 -28.83 -22.16
N LYS B 147 -26.52 -29.63 -22.52
CA LYS B 147 -26.81 -29.98 -23.90
C LYS B 147 -28.19 -29.47 -24.29
N TRP B 148 -28.32 -29.03 -25.54
CA TRP B 148 -29.55 -28.45 -26.07
C TRP B 148 -30.20 -29.43 -27.04
N LYS B 149 -31.45 -29.80 -26.76
CA LYS B 149 -32.23 -30.69 -27.61
C LYS B 149 -33.28 -29.88 -28.37
N ILE B 150 -33.40 -30.16 -29.68
CA ILE B 150 -34.44 -29.59 -30.53
C ILE B 150 -35.10 -30.78 -31.21
N ASP B 151 -36.28 -31.17 -30.73
CA ASP B 151 -36.99 -32.36 -31.24
C ASP B 151 -36.12 -33.60 -31.16
N GLY B 152 -35.38 -33.73 -30.05
CA GLY B 152 -34.63 -34.92 -29.74
C GLY B 152 -33.21 -34.97 -30.26
N SER B 153 -32.80 -34.00 -31.07
CA SER B 153 -31.44 -33.97 -31.61
C SER B 153 -30.58 -32.97 -30.85
N GLU B 154 -29.33 -33.35 -30.61
CA GLU B 154 -28.36 -32.42 -30.06
C GLU B 154 -28.06 -31.31 -31.06
N ARG B 155 -27.92 -30.09 -30.56
CA ARG B 155 -27.68 -28.92 -31.41
C ARG B 155 -26.27 -28.38 -31.18
N GLN B 156 -25.55 -28.17 -32.28
CA GLN B 156 -24.20 -27.61 -32.25
C GLN B 156 -24.20 -26.12 -31.96
N ASN B 157 -24.56 -25.33 -32.97
CA ASN B 157 -24.27 -23.91 -33.03
C ASN B 157 -25.33 -23.05 -32.36
N GLY B 158 -24.95 -21.81 -32.06
CA GLY B 158 -25.83 -20.82 -31.48
C GLY B 158 -25.83 -20.73 -29.98
N VAL B 159 -25.20 -21.69 -29.29
CA VAL B 159 -25.11 -21.64 -27.84
C VAL B 159 -24.16 -20.54 -27.41
N LEU B 160 -24.53 -19.83 -26.34
CA LEU B 160 -23.68 -18.85 -25.68
C LEU B 160 -23.93 -18.98 -24.20
N ASN B 161 -22.90 -19.37 -23.46
CA ASN B 161 -22.97 -19.66 -22.04
C ASN B 161 -22.22 -18.58 -21.25
N SER B 162 -22.64 -18.39 -20.00
CA SER B 162 -21.99 -17.42 -19.12
C SER B 162 -22.14 -17.89 -17.68
N TRP B 163 -21.07 -17.75 -16.90
CA TRP B 163 -21.03 -18.19 -15.52
C TRP B 163 -20.78 -17.01 -14.59
N THR B 164 -21.46 -17.00 -13.45
CA THR B 164 -21.14 -16.08 -12.39
C THR B 164 -19.91 -16.56 -11.62
N ASP B 165 -19.22 -15.61 -11.00
CA ASP B 165 -18.24 -15.97 -9.99
C ASP B 165 -18.93 -16.65 -8.83
N GLN B 166 -18.14 -17.30 -7.97
CA GLN B 166 -18.71 -17.94 -6.80
C GLN B 166 -19.42 -16.89 -5.94
N ASP B 167 -20.59 -17.23 -5.44
CA ASP B 167 -21.36 -16.31 -4.62
C ASP B 167 -20.77 -16.28 -3.21
N SER B 168 -20.49 -15.08 -2.71
CA SER B 168 -19.99 -14.96 -1.34
C SER B 168 -21.05 -15.43 -0.33
N LYS B 169 -22.32 -15.32 -0.70
CA LYS B 169 -23.41 -15.63 0.23
C LYS B 169 -23.48 -17.11 0.53
N ASP B 170 -23.46 -17.96 -0.51
CA ASP B 170 -23.67 -19.40 -0.34
C ASP B 170 -22.56 -20.26 -0.91
N SER B 171 -21.46 -19.64 -1.37
CA SER B 171 -20.36 -20.37 -2.02
C SER B 171 -20.85 -21.18 -3.21
N THR B 172 -21.88 -20.68 -3.91
CA THR B 172 -22.52 -21.38 -5.00
C THR B 172 -22.27 -20.66 -6.33
N TYR B 173 -22.08 -21.44 -7.38
CA TYR B 173 -21.95 -20.94 -8.73
C TYR B 173 -23.32 -20.88 -9.42
N SER B 174 -23.41 -20.09 -10.47
CA SER B 174 -24.63 -19.97 -11.26
C SER B 174 -24.26 -19.89 -12.73
N MET B 175 -25.16 -20.37 -13.59
CA MET B 175 -24.86 -20.47 -15.01
C MET B 175 -26.11 -20.14 -15.83
N SER B 176 -25.88 -19.46 -16.95
CA SER B 176 -26.90 -19.24 -17.96
C SER B 176 -26.40 -19.76 -19.29
N SER B 177 -27.30 -20.34 -20.09
CA SER B 177 -26.95 -20.80 -21.42
C SER B 177 -28.09 -20.43 -22.36
N THR B 178 -27.76 -19.85 -23.51
CA THR B 178 -28.77 -19.30 -24.41
C THR B 178 -28.48 -19.72 -25.84
N LEU B 179 -29.47 -20.30 -26.50
CA LEU B 179 -29.38 -20.62 -27.91
C LEU B 179 -30.32 -19.71 -28.69
N THR B 180 -29.76 -18.96 -29.63
CA THR B 180 -30.54 -18.10 -30.50
C THR B 180 -30.54 -18.68 -31.91
N LEU B 181 -31.66 -18.49 -32.61
CA LEU B 181 -31.82 -19.03 -33.95
C LEU B 181 -32.74 -18.12 -34.76
N THR B 182 -32.77 -18.36 -36.07
CA THR B 182 -33.71 -17.69 -36.93
C THR B 182 -35.14 -18.02 -36.50
N LYS B 183 -36.03 -17.03 -36.55
CA LYS B 183 -37.41 -17.28 -36.17
C LYS B 183 -38.04 -18.32 -37.09
N ASP B 184 -37.60 -18.38 -38.35
CA ASP B 184 -38.01 -19.49 -39.21
C ASP B 184 -37.44 -20.81 -38.71
N GLU B 185 -36.19 -20.80 -38.21
CA GLU B 185 -35.63 -22.01 -37.63
C GLU B 185 -36.35 -22.41 -36.34
N TYR B 186 -36.84 -21.42 -35.57
CA TYR B 186 -37.72 -21.73 -34.45
C TYR B 186 -39.09 -22.24 -34.94
N GLU B 187 -39.49 -21.83 -36.15
CA GLU B 187 -40.85 -22.05 -36.62
C GLU B 187 -41.10 -23.46 -37.14
N ARG B 188 -40.05 -24.21 -37.48
CA ARG B 188 -40.22 -25.53 -38.07
C ARG B 188 -40.08 -26.67 -37.07
N HIS B 189 -39.78 -26.35 -35.81
CA HIS B 189 -39.59 -27.37 -34.78
C HIS B 189 -40.52 -27.09 -33.60
N ASN B 190 -40.80 -28.14 -32.83
CA ASN B 190 -41.80 -28.09 -31.78
C ASN B 190 -41.17 -28.12 -30.40
N SER B 191 -40.61 -29.25 -29.98
CA SER B 191 -40.10 -29.39 -28.62
C SER B 191 -38.66 -28.89 -28.52
N TYR B 192 -38.35 -28.31 -27.36
CA TYR B 192 -37.00 -27.86 -27.02
C TYR B 192 -36.72 -28.28 -25.58
N THR B 193 -35.46 -28.64 -25.32
CA THR B 193 -35.07 -29.19 -24.03
C THR B 193 -33.70 -28.68 -23.63
N CYS B 194 -33.60 -28.19 -22.39
CA CYS B 194 -32.34 -27.95 -21.71
C CYS B 194 -32.00 -29.17 -20.88
N GLU B 195 -30.83 -29.77 -21.16
CA GLU B 195 -30.34 -30.92 -20.43
C GLU B 195 -29.07 -30.54 -19.69
N ALA B 196 -28.90 -31.09 -18.50
CA ALA B 196 -27.78 -30.71 -17.63
C ALA B 196 -27.16 -31.95 -17.01
N THR B 197 -25.85 -31.92 -16.87
CA THR B 197 -25.10 -33.02 -16.26
C THR B 197 -24.10 -32.44 -15.27
N HIS B 198 -24.06 -33.07 -14.10
CA HIS B 198 -23.35 -32.61 -12.92
C HIS B 198 -23.11 -33.82 -12.04
N LYS B 199 -22.16 -33.71 -11.12
CA LYS B 199 -21.81 -34.86 -10.30
C LYS B 199 -22.88 -35.21 -9.28
N THR B 200 -23.82 -34.29 -9.00
CA THR B 200 -24.79 -34.51 -7.94
C THR B 200 -25.81 -35.60 -8.29
N SER B 201 -25.98 -35.93 -9.56
CA SER B 201 -26.89 -36.99 -9.93
C SER B 201 -26.39 -37.68 -11.19
N THR B 202 -26.51 -39.00 -11.22
CA THR B 202 -26.11 -39.75 -12.41
C THR B 202 -26.99 -39.41 -13.61
N SER B 203 -28.25 -39.12 -13.37
CA SER B 203 -29.19 -38.80 -14.44
C SER B 203 -29.14 -37.30 -14.76
N PRO B 204 -29.16 -36.91 -16.04
CA PRO B 204 -29.22 -35.49 -16.38
C PRO B 204 -30.52 -34.85 -15.90
N ILE B 205 -30.42 -33.58 -15.50
CA ILE B 205 -31.60 -32.77 -15.21
C ILE B 205 -32.16 -32.24 -16.52
N VAL B 206 -33.44 -32.49 -16.76
CA VAL B 206 -34.08 -32.14 -18.02
C VAL B 206 -35.22 -31.17 -17.74
N LYS B 207 -35.32 -30.12 -18.55
CA LYS B 207 -36.48 -29.24 -18.55
C LYS B 207 -36.81 -28.89 -19.99
N SER B 208 -38.10 -28.82 -20.33
CA SER B 208 -38.49 -28.82 -21.73
C SER B 208 -39.79 -28.06 -21.93
N PHE B 209 -40.11 -27.80 -23.20
CA PHE B 209 -41.39 -27.22 -23.58
C PHE B 209 -41.61 -27.47 -25.07
N ASN B 210 -42.88 -27.51 -25.47
CA ASN B 210 -43.24 -27.58 -26.88
C ASN B 210 -43.79 -26.24 -27.35
N ARG B 211 -43.76 -26.02 -28.66
CA ARG B 211 -44.00 -24.69 -29.20
C ARG B 211 -45.38 -24.16 -28.85
N ASN B 212 -46.38 -25.03 -28.77
CA ASN B 212 -47.74 -24.64 -28.41
C ASN B 212 -48.14 -25.39 -27.15
N GLU B 213 -48.10 -24.70 -26.01
CA GLU B 213 -48.41 -25.31 -24.73
C GLU B 213 -49.37 -24.44 -23.93
N ARG C 1 32.69 -2.13 47.48
CA ARG C 1 32.45 -1.57 46.15
C ARG C 1 31.95 -2.63 45.19
N HIS C 2 30.65 -2.59 44.93
CA HIS C 2 30.00 -3.51 44.01
C HIS C 2 30.29 -3.15 42.54
N VAL C 3 30.31 -4.18 41.70
CA VAL C 3 30.20 -4.05 40.25
C VAL C 3 29.42 -5.24 39.72
N PHE C 4 28.32 -4.99 39.00
CA PHE C 4 27.59 -6.03 38.29
C PHE C 4 27.62 -5.73 36.80
N ILE C 5 28.03 -6.73 36.02
CA ILE C 5 28.10 -6.65 34.56
C ILE C 5 27.37 -7.84 33.97
N ARG C 6 26.67 -7.62 32.86
CA ARG C 6 26.11 -8.71 32.09
C ARG C 6 26.04 -8.29 30.63
N THR C 7 26.31 -9.25 29.74
CA THR C 7 26.39 -9.01 28.30
C THR C 7 25.46 -9.98 27.57
N GLU C 8 24.60 -9.43 26.72
CA GLU C 8 23.75 -10.22 25.84
C GLU C 8 24.03 -9.83 24.40
N LEU C 9 23.75 -10.76 23.48
CA LEU C 9 23.93 -10.51 22.07
C LEU C 9 22.68 -10.94 21.31
N SER C 10 22.13 -10.04 20.52
CA SER C 10 21.00 -10.31 19.66
C SER C 10 21.30 -9.77 18.27
N PHE C 11 20.76 -10.44 17.25
CA PHE C 11 20.93 -10.03 15.88
C PHE C 11 19.63 -9.46 15.33
N ILE C 12 19.73 -8.53 14.39
CA ILE C 12 18.56 -7.97 13.73
C ILE C 12 18.81 -7.94 12.23
N LYS C 13 17.79 -8.31 11.46
CA LYS C 13 17.80 -8.21 10.01
C LYS C 13 17.10 -6.94 9.57
N ASN C 14 17.66 -6.27 8.57
CA ASN C 14 17.01 -5.13 7.93
C ASN C 14 17.09 -5.32 6.43
N ASN C 15 15.93 -5.29 5.76
CA ASN C 15 15.90 -5.42 4.31
C ASN C 15 16.38 -4.18 3.61
N VAL C 16 16.48 -3.05 4.33
CA VAL C 16 16.88 -1.77 3.75
C VAL C 16 18.37 -1.57 4.02
N PRO C 17 19.23 -1.47 2.96
CA PRO C 17 20.64 -1.08 3.15
C PRO C 17 20.72 0.41 3.40
N CYS C 18 20.41 0.81 4.64
CA CYS C 18 20.31 2.22 5.00
C CYS C 18 21.64 2.91 4.77
N ILE C 19 21.59 4.07 4.11
CA ILE C 19 22.80 4.85 3.88
C ILE C 19 23.38 5.33 5.20
N ARG C 20 22.51 5.58 6.18
CA ARG C 20 22.90 6.10 7.48
C ARG C 20 21.83 5.73 8.48
N ASP C 21 22.23 5.36 9.70
CA ASP C 21 21.32 4.88 10.72
C ASP C 21 21.21 5.88 11.86
N MET C 22 20.04 5.84 12.54
CA MET C 22 19.74 6.78 13.63
C MET C 22 18.78 6.09 14.60
N PHE C 23 19.35 5.37 15.57
CA PHE C 23 18.56 4.69 16.59
C PHE C 23 18.12 5.66 17.68
N PHE C 24 16.98 5.33 18.31
CA PHE C 24 16.54 6.01 19.52
C PHE C 24 15.54 5.11 20.24
N ILE C 25 15.35 5.38 21.52
CA ILE C 25 14.51 4.57 22.39
C ILE C 25 13.23 5.33 22.69
N TYR C 26 12.09 4.67 22.54
CA TYR C 26 10.80 5.23 22.94
C TYR C 26 9.95 4.11 23.49
N LYS C 27 9.20 4.41 24.55
CA LYS C 27 8.69 3.36 25.43
C LYS C 27 9.86 2.48 25.82
N ARG C 28 9.65 1.17 25.88
CA ARG C 28 10.81 0.26 25.95
C ARG C 28 11.39 -0.04 24.58
N GLU C 29 10.67 0.27 23.51
CA GLU C 29 11.01 -0.20 22.17
C GLU C 29 12.13 0.63 21.54
N LEU C 30 12.85 -0.03 20.63
CA LEU C 30 13.92 0.57 19.83
C LEU C 30 13.38 0.98 18.46
N TYR C 31 13.85 2.13 17.98
CA TYR C 31 13.45 2.67 16.68
C TYR C 31 14.68 3.11 15.91
N ASN C 32 14.55 3.14 14.59
CA ASN C 32 15.61 3.60 13.70
C ASN C 32 15.02 4.54 12.66
N ILE C 33 15.77 5.60 12.33
CA ILE C 33 15.37 6.55 11.30
C ILE C 33 16.27 6.33 10.10
N CYS C 34 15.87 5.40 9.24
CA CYS C 34 16.66 4.97 8.11
C CYS C 34 16.59 5.95 6.94
N LEU C 35 17.68 6.01 6.18
CA LEU C 35 17.79 6.84 4.99
C LEU C 35 18.21 5.93 3.84
N ASP C 36 17.42 5.89 2.78
CA ASP C 36 17.74 5.09 1.60
C ASP C 36 17.81 6.00 0.37
N ASP C 37 18.98 6.03 -0.25
CA ASP C 37 19.22 6.81 -1.46
C ASP C 37 20.39 6.18 -2.21
N LEU C 38 20.35 6.28 -3.54
CA LEU C 38 21.41 5.73 -4.37
C LEU C 38 21.81 6.70 -5.48
N ASP C 43 17.26 9.45 -7.21
CA ASP C 43 15.97 9.67 -7.87
C ASP C 43 14.85 9.72 -6.84
N GLU C 44 14.56 8.58 -6.21
CA GLU C 44 13.65 8.53 -5.08
C GLU C 44 14.43 8.15 -3.83
N THR C 45 14.13 8.83 -2.73
CA THR C 45 14.78 8.60 -1.45
C THR C 45 13.72 8.37 -0.39
N HIS C 46 14.09 7.60 0.63
CA HIS C 46 13.16 7.27 1.70
C HIS C 46 13.78 7.58 3.05
N ILE C 47 12.94 8.01 3.97
CA ILE C 47 13.32 8.17 5.38
C ILE C 47 12.36 7.30 6.17
N TYR C 48 12.72 6.04 6.38
CA TYR C 48 11.85 5.10 7.06
C TYR C 48 11.94 5.27 8.57
N VAL C 49 10.80 5.15 9.24
CA VAL C 49 10.76 5.01 10.69
C VAL C 49 10.55 3.53 10.96
N GLN C 50 11.64 2.81 11.21
CA GLN C 50 11.60 1.40 11.52
C GLN C 50 11.57 1.18 13.02
N LYS C 51 11.10 0.00 13.41
CA LYS C 51 10.93 -0.35 14.81
C LYS C 51 11.36 -1.79 15.02
N LYS C 52 12.09 -2.04 16.10
CA LYS C 52 12.55 -3.39 16.39
C LYS C 52 11.38 -4.24 16.87
N VAL C 53 11.14 -5.36 16.20
CA VAL C 53 10.12 -6.32 16.60
C VAL C 53 10.73 -7.72 16.47
N LYS C 54 10.78 -8.46 17.58
CA LYS C 54 11.36 -9.79 17.61
C LYS C 54 12.79 -9.80 17.08
N ASP C 55 12.93 -9.99 15.77
CA ASP C 55 14.21 -10.27 15.16
C ASP C 55 14.54 -9.37 13.96
N SER C 56 13.62 -8.49 13.56
CA SER C 56 13.78 -7.74 12.33
C SER C 56 13.20 -6.34 12.48
N TRP C 57 13.82 -5.38 11.78
CA TRP C 57 13.26 -4.05 11.67
C TRP C 57 11.96 -4.09 10.87
N ILE C 58 10.98 -3.32 11.33
CA ILE C 58 9.70 -3.20 10.65
C ILE C 58 9.49 -1.74 10.31
N THR C 59 9.48 -1.43 9.02
CA THR C 59 9.18 -0.07 8.58
C THR C 59 7.76 0.31 8.98
N LEU C 60 7.58 1.52 9.48
CA LEU C 60 6.28 2.01 9.91
C LEU C 60 5.79 3.19 9.09
N ASN C 61 6.68 4.10 8.70
CA ASN C 61 6.30 5.30 7.97
C ASN C 61 7.44 5.74 7.07
N ASP C 62 7.07 6.36 5.95
CA ASP C 62 8.00 7.09 5.10
C ASP C 62 7.68 8.57 5.30
N LEU C 63 8.42 9.22 6.20
CA LEU C 63 8.20 10.64 6.41
C LEU C 63 8.53 11.44 5.15
N PHE C 64 9.56 11.03 4.43
CA PHE C 64 10.08 11.87 3.35
C PHE C 64 9.09 12.00 2.20
N LYS C 65 8.12 11.10 2.09
CA LYS C 65 7.14 11.21 1.02
C LYS C 65 6.32 12.49 1.15
N GLU C 66 6.13 12.99 2.37
CA GLU C 66 5.45 14.27 2.51
C GLU C 66 6.24 15.40 1.87
N THR C 67 7.57 15.25 1.82
CA THR C 67 8.48 15.98 0.94
C THR C 67 8.19 17.46 0.80
N ASP C 68 7.94 17.89 -0.44
CA ASP C 68 8.22 19.23 -0.94
C ASP C 68 9.69 19.58 -0.80
N LEU C 69 10.50 18.61 -0.37
CA LEU C 69 11.95 18.66 -0.31
C LEU C 69 12.57 18.36 -1.66
N THR C 70 13.81 18.83 -1.84
CA THR C 70 14.53 18.65 -3.09
C THR C 70 15.42 17.41 -3.09
N GLY C 71 16.23 17.23 -2.06
CA GLY C 71 17.16 16.11 -1.99
C GLY C 71 17.40 15.63 -0.58
N ARG C 72 18.61 15.15 -0.34
CA ARG C 72 18.95 14.59 0.96
C ARG C 72 18.92 15.68 2.02
N PRO C 73 18.18 15.50 3.12
CA PRO C 73 18.09 16.56 4.12
C PRO C 73 18.77 16.21 5.44
N HIS C 74 19.10 17.24 6.22
CA HIS C 74 19.48 17.02 7.61
C HIS C 74 18.28 16.55 8.42
N ILE C 75 18.53 15.67 9.38
CA ILE C 75 17.50 15.08 10.22
C ILE C 75 17.84 15.37 11.67
N PHE C 76 16.85 15.85 12.42
CA PHE C 76 17.04 16.15 13.83
C PHE C 76 15.90 15.51 14.62
N ALA C 77 16.22 14.43 15.33
CA ALA C 77 15.24 13.78 16.18
C ALA C 77 15.40 14.26 17.62
N TYR C 78 14.27 14.36 18.31
CA TYR C 78 14.25 14.73 19.73
C TYR C 78 13.26 13.84 20.44
N VAL C 79 13.70 13.14 21.47
CA VAL C 79 12.87 12.16 22.16
C VAL C 79 12.61 12.65 23.59
N ASP C 80 11.34 12.76 23.93
CA ASP C 80 10.90 13.03 25.29
C ASP C 80 10.16 11.81 25.82
N VAL C 81 9.90 11.81 27.13
CA VAL C 81 9.10 10.73 27.70
C VAL C 81 7.70 10.74 27.11
N GLU C 82 7.25 11.90 26.63
CA GLU C 82 5.89 12.03 26.11
C GLU C 82 5.81 11.69 24.63
N GLU C 83 6.61 12.36 23.80
CA GLU C 83 6.41 12.28 22.36
C GLU C 83 7.73 12.47 21.63
N ILE C 84 7.85 11.75 20.51
CA ILE C 84 8.96 11.93 19.58
C ILE C 84 8.66 13.12 18.66
N ILE C 85 9.71 13.86 18.29
CA ILE C 85 9.59 14.98 17.36
C ILE C 85 10.75 14.90 16.36
N ILE C 86 10.42 14.90 15.07
CA ILE C 86 11.39 14.65 14.01
C ILE C 86 11.35 15.82 13.03
N LEU C 87 12.51 16.42 12.78
CA LEU C 87 12.61 17.53 11.84
C LEU C 87 13.42 17.11 10.63
N LEU C 88 12.92 17.44 9.44
CA LEU C 88 13.62 17.22 8.18
C LEU C 88 13.91 18.59 7.57
N CYS C 89 15.15 19.04 7.69
CA CYS C 89 15.54 20.38 7.28
C CYS C 89 16.41 20.31 6.02
N GLU C 90 16.13 21.19 5.07
CA GLU C 90 17.00 21.31 3.90
C GLU C 90 18.36 21.86 4.31
N ASP C 91 19.41 21.26 3.77
CA ASP C 91 20.75 21.82 3.86
C ASP C 91 20.98 22.79 2.71
N GLU C 92 21.96 23.67 2.88
CA GLU C 92 22.22 24.69 1.87
C GLU C 92 22.57 24.04 0.54
N GLU C 93 21.99 24.56 -0.54
CA GLU C 93 22.20 24.00 -1.87
C GLU C 93 23.34 24.72 -2.59
N LYS C 99 17.95 32.51 1.68
CA LYS C 99 18.73 31.63 2.55
C LYS C 99 18.27 31.73 4.00
N ASP C 100 17.15 31.07 4.30
CA ASP C 100 16.70 30.90 5.67
C ASP C 100 15.96 29.57 5.78
N MET C 101 16.11 28.93 6.94
CA MET C 101 15.88 27.50 7.02
C MET C 101 14.42 27.11 6.87
N THR C 102 14.19 25.98 6.22
CA THR C 102 12.88 25.37 6.06
C THR C 102 12.98 23.94 6.55
N CYS C 103 12.01 23.51 7.36
CA CYS C 103 12.02 22.19 7.96
C CYS C 103 10.62 21.61 7.96
N HIS C 104 10.55 20.29 8.10
CA HIS C 104 9.28 19.58 8.25
C HIS C 104 9.23 18.96 9.62
N ARG C 105 8.21 19.31 10.39
CA ARG C 105 8.06 18.86 11.77
C ARG C 105 7.08 17.69 11.83
N PHE C 106 7.46 16.63 12.52
CA PHE C 106 6.60 15.49 12.78
C PHE C 106 6.57 15.26 14.28
N TYR C 107 5.44 14.79 14.79
CA TYR C 107 5.41 14.47 16.20
C TYR C 107 4.44 13.31 16.45
N SER C 108 4.81 12.46 17.40
CA SER C 108 3.98 11.30 17.70
C SER C 108 4.08 10.95 19.17
N ASN C 109 2.96 10.52 19.75
CA ASN C 109 2.89 10.08 21.14
C ASN C 109 2.58 8.58 21.24
N ASP C 110 3.03 7.81 20.24
CA ASP C 110 2.86 6.37 20.23
C ASP C 110 3.97 5.71 19.43
N GLY C 111 4.64 6.51 18.60
CA GLY C 111 5.71 6.02 17.76
C GLY C 111 5.26 5.39 16.46
N LYS C 112 3.95 5.36 16.20
CA LYS C 112 3.39 4.72 15.02
C LYS C 112 2.75 5.70 14.05
N GLU C 113 1.95 6.63 14.56
CA GLU C 113 1.24 7.61 13.74
C GLU C 113 1.80 8.99 14.02
N TYR C 114 2.64 9.49 13.10
CA TYR C 114 3.22 10.81 13.22
C TYR C 114 2.30 11.86 12.58
N ASN C 115 2.28 13.05 13.19
CA ASN C 115 1.56 14.18 12.64
C ASN C 115 2.52 15.10 11.91
N ASN C 116 2.07 15.61 10.75
CA ASN C 116 2.85 16.40 9.82
C ASN C 116 2.72 17.90 10.10
N SER C 117 3.76 18.63 9.72
CA SER C 117 3.81 20.08 9.85
C SER C 117 5.02 20.59 9.08
N GLU C 118 5.05 21.90 8.83
CA GLU C 118 6.18 22.54 8.18
C GLU C 118 6.45 23.88 8.82
N ILE C 119 7.73 24.23 8.98
CA ILE C 119 8.13 25.46 9.64
C ILE C 119 9.23 26.12 8.83
N THR C 120 9.36 27.44 9.00
CA THR C 120 10.42 28.21 8.40
C THR C 120 10.98 29.18 9.43
N ILE C 121 12.29 29.14 9.63
CA ILE C 121 12.99 30.09 10.49
C ILE C 121 13.77 31.03 9.59
N SER C 122 13.26 32.26 9.46
CA SER C 122 13.88 33.29 8.65
C SER C 122 15.10 33.87 9.36
N ASP C 123 16.07 34.29 8.55
CA ASP C 123 17.30 34.92 9.04
C ASP C 123 17.96 34.07 10.14
N TYR C 124 17.92 32.76 9.94
CA TYR C 124 18.23 31.83 11.02
C TYR C 124 19.69 31.97 11.45
N ILE C 125 19.92 31.67 12.73
CA ILE C 125 21.20 31.99 13.38
C ILE C 125 22.36 31.24 12.75
N LEU C 126 22.10 30.05 12.20
CA LEU C 126 23.15 29.19 11.65
C LEU C 126 23.36 29.40 10.16
N LYS C 127 23.31 30.64 9.67
CA LYS C 127 23.19 30.87 8.23
C LYS C 127 24.37 30.31 7.46
N ASP C 128 25.56 30.32 8.05
CA ASP C 128 26.77 29.83 7.37
C ASP C 128 27.51 28.85 8.29
N LYS C 129 26.83 27.76 8.61
CA LYS C 129 27.38 26.68 9.42
C LYS C 129 27.03 25.35 8.76
N LEU C 130 27.92 24.37 8.92
CA LEU C 130 27.61 23.01 8.52
C LEU C 130 26.80 22.31 9.60
N LEU C 131 25.94 21.40 9.17
CA LEU C 131 25.09 20.64 10.08
C LEU C 131 25.10 19.18 9.66
N SER C 132 24.89 18.30 10.65
CA SER C 132 24.78 16.87 10.39
C SER C 132 23.65 16.31 11.23
N SER C 133 22.98 15.30 10.68
CA SER C 133 21.80 14.73 11.31
C SER C 133 22.15 14.04 12.63
N TYR C 134 21.25 14.13 13.61
CA TYR C 134 21.47 13.43 14.88
C TYR C 134 20.17 13.32 15.67
N VAL C 135 20.24 12.51 16.72
CA VAL C 135 19.16 12.31 17.69
C VAL C 135 19.57 12.97 19.00
N SER C 136 18.58 13.45 19.76
CA SER C 136 18.88 14.25 20.94
C SER C 136 17.70 14.22 21.91
N LEU C 137 17.96 14.77 23.09
CA LEU C 137 17.02 14.90 24.21
C LEU C 137 16.95 16.36 24.62
N PRO C 138 15.83 16.79 25.20
CA PRO C 138 15.70 18.19 25.63
C PRO C 138 16.71 18.56 26.72
N LEU C 139 17.16 19.81 26.67
CA LEU C 139 18.14 20.33 27.62
C LEU C 139 17.43 21.24 28.62
N LYS C 140 17.28 20.75 29.85
CA LYS C 140 16.66 21.55 30.91
C LYS C 140 17.54 22.76 31.26
N ILE C 141 16.91 23.92 31.38
CA ILE C 141 17.59 25.17 31.74
C ILE C 141 16.63 26.04 32.54
N GLU C 142 16.76 26.02 33.87
CA GLU C 142 15.98 26.88 34.76
C GLU C 142 14.48 26.76 34.48
N ASN C 143 14.01 25.51 34.46
CA ASN C 143 12.61 25.19 34.15
C ASN C 143 12.23 25.68 32.75
N ARG C 144 13.07 25.35 31.78
CA ARG C 144 12.78 25.57 30.37
C ARG C 144 13.64 24.58 29.59
N GLU C 145 13.01 23.53 29.05
CA GLU C 145 13.72 22.54 28.25
C GLU C 145 13.87 23.04 26.81
N TYR C 146 15.00 22.71 26.19
CA TYR C 146 15.36 23.25 24.89
C TYR C 146 15.83 22.14 23.97
N PHE C 147 15.30 22.14 22.74
CA PHE C 147 15.90 21.40 21.64
C PHE C 147 16.93 22.29 20.95
N LEU C 148 18.07 21.70 20.61
CA LEU C 148 19.19 22.44 20.04
C LEU C 148 19.50 21.91 18.65
N ILE C 149 19.50 22.81 17.67
CA ILE C 149 20.12 22.56 16.37
C ILE C 149 21.46 23.28 16.38
N CYS C 150 22.54 22.50 16.36
CA CYS C 150 23.88 23.02 16.49
C CYS C 150 24.65 22.86 15.19
N GLY C 151 25.44 23.88 14.88
CA GLY C 151 26.29 23.86 13.69
C GLY C 151 27.67 24.33 14.04
N VAL C 152 28.66 23.73 13.39
CA VAL C 152 30.06 24.03 13.60
C VAL C 152 30.62 24.62 12.30
N SER C 153 31.47 25.62 12.44
CA SER C 153 32.20 26.12 11.28
C SER C 153 33.13 25.03 10.77
N PRO C 154 33.15 24.75 9.47
CA PRO C 154 33.97 23.63 8.97
C PRO C 154 35.43 23.77 9.36
N TYR C 155 36.13 24.75 8.80
CA TYR C 155 37.51 24.98 9.15
C TYR C 155 37.80 26.47 9.12
N LYS C 156 38.59 26.93 10.08
CA LYS C 156 38.94 28.34 10.22
C LYS C 156 40.32 28.58 9.61
N PHE C 157 40.37 29.41 8.58
CA PHE C 157 41.65 29.70 7.93
C PHE C 157 42.53 30.56 8.83
N LYS C 158 41.96 31.62 9.41
CA LYS C 158 42.82 32.59 10.08
C LYS C 158 42.27 33.13 11.40
N ASP C 159 41.71 34.34 11.36
CA ASP C 159 41.82 35.25 12.49
C ASP C 159 41.21 34.65 13.74
N ASP C 160 41.94 34.74 14.84
CA ASP C 160 41.48 34.15 16.09
C ASP C 160 40.22 34.85 16.56
N ASN C 161 39.19 34.06 16.82
CA ASN C 161 37.92 34.60 17.29
C ASN C 161 37.11 33.44 17.85
N LYS C 162 36.40 33.69 18.94
CA LYS C 162 35.69 32.65 19.68
C LYS C 162 34.19 32.70 19.48
N LYS C 163 33.71 33.55 18.57
CA LYS C 163 32.29 33.88 18.51
C LYS C 163 31.41 32.65 18.25
N ASP C 164 31.58 32.02 17.09
CA ASP C 164 30.67 30.97 16.65
C ASP C 164 31.42 29.75 16.14
N ASP C 165 32.47 29.32 16.86
CA ASP C 165 33.13 28.07 16.49
C ASP C 165 32.16 26.90 16.62
N ILE C 166 31.28 26.96 17.61
CA ILE C 166 30.16 26.04 17.75
C ILE C 166 28.96 26.88 18.12
N LEU C 167 28.05 27.08 17.17
CA LEU C 167 26.86 27.88 17.41
C LEU C 167 25.66 26.97 17.49
N CYS C 168 24.69 27.33 18.34
CA CYS C 168 23.44 26.58 18.36
C CYS C 168 22.27 27.54 18.36
N MET C 169 21.23 27.20 17.60
CA MET C 169 19.93 27.84 17.75
C MET C 169 18.99 26.85 18.43
N ALA C 170 18.06 27.38 19.20
CA ALA C 170 17.35 26.53 20.15
C ALA C 170 15.89 26.97 20.30
N SER C 171 15.07 25.98 20.65
CA SER C 171 13.63 26.09 20.76
C SER C 171 13.15 25.51 22.08
N HIS C 172 12.26 26.22 22.75
CA HIS C 172 11.65 25.74 23.99
C HIS C 172 10.16 25.50 23.84
N ASP C 173 9.64 25.53 22.61
CA ASP C 173 8.23 25.28 22.36
C ASP C 173 8.07 24.03 21.50
N LYS C 174 8.73 22.94 21.92
CA LYS C 174 8.92 21.77 21.05
C LYS C 174 9.68 22.27 19.82
N GLY C 175 9.34 21.81 18.62
CA GLY C 175 10.04 22.24 17.43
C GLY C 175 9.44 23.42 16.70
N GLU C 176 8.46 24.12 17.28
CA GLU C 176 7.60 24.98 16.49
C GLU C 176 8.29 26.29 16.09
N THR C 177 9.08 26.88 16.98
CA THR C 177 9.81 28.12 16.69
C THR C 177 11.20 28.05 17.30
N TRP C 178 12.17 28.62 16.59
CA TRP C 178 13.58 28.53 16.97
C TRP C 178 14.18 29.92 17.16
N GLY C 179 13.63 30.66 18.11
CA GLY C 179 14.14 31.98 18.41
C GLY C 179 15.46 32.01 19.15
N THR C 180 15.62 31.19 20.20
CA THR C 180 16.70 31.48 21.14
C THR C 180 18.05 31.14 20.53
N LYS C 181 19.06 31.95 20.87
CA LYS C 181 20.45 31.66 20.54
C LYS C 181 21.15 31.01 21.73
N ILE C 182 22.06 30.10 21.41
CA ILE C 182 22.89 29.44 22.42
C ILE C 182 24.33 29.47 21.94
N VAL C 183 25.19 30.13 22.72
CA VAL C 183 26.60 30.35 22.40
C VAL C 183 27.45 29.33 23.13
N ILE C 184 28.41 28.75 22.40
CA ILE C 184 29.37 27.81 22.95
C ILE C 184 30.76 28.39 22.75
N LYS C 185 31.52 28.48 23.83
CA LYS C 185 32.92 28.92 23.77
C LYS C 185 33.79 27.67 23.93
N TYR C 186 34.26 27.13 22.81
CA TYR C 186 35.24 26.06 22.83
C TYR C 186 36.62 26.70 22.66
N ASP C 187 37.38 26.76 23.75
CA ASP C 187 38.67 27.43 23.77
C ASP C 187 39.74 26.49 23.20
N ASN C 188 39.67 26.31 21.88
CA ASN C 188 40.65 25.48 21.19
C ASN C 188 40.68 25.87 19.72
N TYR C 189 41.86 25.79 19.12
CA TYR C 189 42.02 26.02 17.70
C TYR C 189 43.29 25.33 17.22
N LYS C 190 43.23 24.85 15.97
CA LYS C 190 44.41 24.48 15.20
C LYS C 190 44.14 24.89 13.77
N LEU C 191 45.22 25.12 13.01
CA LEU C 191 45.08 25.66 11.66
C LEU C 191 44.34 24.69 10.75
N GLY C 192 44.94 23.53 10.49
CA GLY C 192 44.34 22.57 9.59
C GLY C 192 43.29 21.68 10.20
N VAL C 193 43.05 21.80 11.51
CA VAL C 193 42.00 21.01 12.14
C VAL C 193 40.65 21.47 11.61
N GLN C 194 39.73 20.51 11.49
CA GLN C 194 38.38 20.78 11.02
C GLN C 194 37.46 19.77 11.68
N TYR C 195 36.31 20.25 12.14
CA TYR C 195 35.39 19.43 12.92
C TYR C 195 34.32 18.83 12.00
N PHE C 196 33.82 17.66 12.38
CA PHE C 196 32.78 16.99 11.62
C PHE C 196 31.82 16.27 12.56
N PHE C 197 30.62 16.03 12.06
CA PHE C 197 29.64 15.14 12.68
C PHE C 197 29.37 15.53 14.12
N LEU C 198 29.44 16.82 14.41
CA LEU C 198 29.23 17.30 15.76
C LEU C 198 27.82 16.97 16.21
N ARG C 199 27.69 16.41 17.40
CA ARG C 199 26.38 16.16 17.97
C ARG C 199 26.43 16.47 19.45
N PRO C 200 25.32 16.93 20.01
CA PRO C 200 25.28 17.21 21.45
C PRO C 200 24.85 16.01 22.26
N TYR C 201 25.76 15.37 22.99
CA TYR C 201 25.35 14.47 24.04
C TYR C 201 24.77 15.29 25.19
N ILE C 202 23.65 14.83 25.74
CA ILE C 202 22.94 15.58 26.77
C ILE C 202 22.49 14.60 27.85
N SER C 203 22.72 14.96 29.11
CA SER C 203 22.27 14.13 30.22
C SER C 203 21.89 15.04 31.37
N LYS C 204 20.59 15.10 31.67
CA LYS C 204 20.02 16.02 32.66
C LYS C 204 20.36 17.45 32.20
N ASN C 205 20.98 18.28 33.03
CA ASN C 205 21.42 19.61 32.62
C ASN C 205 22.76 19.60 31.91
N ASP C 206 23.45 18.46 31.86
CA ASP C 206 24.81 18.40 31.33
C ASP C 206 24.79 18.41 29.80
N LEU C 207 25.46 19.42 29.22
CA LEU C 207 25.67 19.52 27.79
C LEU C 207 27.09 19.07 27.45
N SER C 208 27.22 18.35 26.34
CA SER C 208 28.51 17.88 25.87
C SER C 208 28.46 17.76 24.36
N PHE C 209 29.63 17.75 23.72
CA PHE C 209 29.69 17.63 22.28
C PHE C 209 30.64 16.51 21.87
N HIS C 210 30.26 15.82 20.80
CA HIS C 210 31.00 14.70 20.25
C HIS C 210 31.25 14.99 18.77
N PHE C 211 32.51 14.96 18.36
CA PHE C 211 32.82 15.35 16.98
C PHE C 211 34.15 14.74 16.55
N TYR C 212 34.36 14.67 15.25
CA TYR C 212 35.61 14.17 14.68
C TYR C 212 36.49 15.35 14.25
N VAL C 213 37.80 15.21 14.45
CA VAL C 213 38.74 16.27 14.11
C VAL C 213 39.67 15.79 13.00
N GLY C 214 40.07 16.72 12.14
CA GLY C 214 41.11 16.44 11.17
C GLY C 214 40.96 17.29 9.93
N ASP C 215 41.83 17.03 8.96
CA ASP C 215 41.67 17.64 7.65
C ASP C 215 40.47 17.02 6.94
N ASN C 216 40.04 17.67 5.86
CA ASN C 216 38.68 17.57 5.34
C ASN C 216 38.22 16.14 5.06
N ILE C 217 36.90 15.97 4.93
CA ILE C 217 36.24 14.69 5.23
C ILE C 217 36.80 13.54 4.39
N ASN C 218 36.60 12.32 4.91
CA ASN C 218 37.01 11.01 4.39
C ASN C 218 38.33 10.58 5.01
N ASN C 219 39.13 11.53 5.48
CA ASN C 219 40.35 11.24 6.23
C ASN C 219 40.21 11.64 7.70
N VAL C 220 38.98 11.72 8.20
CA VAL C 220 38.77 11.91 9.63
C VAL C 220 39.24 10.66 10.36
N LYS C 221 39.83 10.85 11.54
CA LYS C 221 40.35 9.72 12.31
C LYS C 221 40.09 9.91 13.80
N ASN C 222 40.53 11.03 14.35
CA ASN C 222 40.52 11.26 15.79
C ASN C 222 39.15 11.76 16.26
N VAL C 223 38.68 11.18 17.36
CA VAL C 223 37.47 11.61 18.04
C VAL C 223 37.84 12.64 19.11
N ASN C 224 36.99 13.64 19.25
CA ASN C 224 37.09 14.62 20.33
C ASN C 224 35.75 14.75 21.02
N PHE C 225 35.81 14.92 22.34
CA PHE C 225 34.65 15.05 23.20
C PHE C 225 34.90 16.22 24.15
N ILE C 226 33.89 17.08 24.31
CA ILE C 226 34.05 18.29 25.13
C ILE C 226 32.86 18.43 26.07
N GLU C 227 33.13 18.41 27.37
CA GLU C 227 32.14 18.74 28.37
C GLU C 227 31.90 20.25 28.40
N CYS C 228 30.69 20.64 28.77
CA CYS C 228 30.32 22.04 28.80
C CYS C 228 29.74 22.40 30.16
N THR C 229 30.02 23.63 30.60
CA THR C 229 29.48 24.16 31.85
C THR C 229 28.96 25.58 31.60
N HIS C 230 27.99 25.97 32.43
CA HIS C 230 27.32 27.25 32.23
C HIS C 230 28.25 28.43 32.50
N GLU C 231 28.15 29.46 31.67
CA GLU C 231 28.59 30.80 31.99
C GLU C 231 27.43 31.75 32.17
N LYS C 232 26.45 31.69 31.26
CA LYS C 232 25.18 32.38 31.40
C LYS C 232 24.05 31.35 31.29
N ASP C 233 22.81 31.84 31.32
CA ASP C 233 21.67 30.96 31.08
C ASP C 233 21.68 30.42 29.67
N LEU C 234 22.26 31.15 28.72
CA LEU C 234 22.31 30.73 27.32
C LEU C 234 23.72 30.81 26.77
N GLU C 235 24.74 30.67 27.63
CA GLU C 235 26.13 30.70 27.19
C GLU C 235 26.90 29.63 27.96
N PHE C 236 27.55 28.74 27.21
CA PHE C 236 28.36 27.66 27.79
C PHE C 236 29.83 27.87 27.44
N VAL C 237 30.70 27.49 28.37
CA VAL C 237 32.12 27.33 28.11
C VAL C 237 32.43 25.84 28.12
N CYS C 238 33.15 25.36 27.11
CA CYS C 238 33.41 23.94 26.96
C CYS C 238 34.90 23.71 26.83
N SER C 239 35.44 22.84 27.67
CA SER C 239 36.84 22.44 27.63
C SER C 239 36.94 20.98 27.23
N ASN C 240 38.01 20.64 26.52
CA ASN C 240 38.17 19.27 26.04
C ASN C 240 38.39 18.31 27.20
N ARG C 241 37.79 17.12 27.08
CA ARG C 241 38.00 16.01 28.00
C ARG C 241 38.74 14.91 27.27
N ASP C 242 39.85 14.47 27.83
CA ASP C 242 40.67 13.42 27.24
C ASP C 242 39.99 12.06 27.36
N PHE C 243 40.31 11.17 26.42
CA PHE C 243 39.94 9.76 26.54
C PHE C 243 40.97 8.85 25.88
N LEU C 244 42.16 9.36 25.55
CA LEU C 244 43.14 8.58 24.82
C LEU C 244 43.63 7.38 25.62
N LYS C 245 43.83 6.27 24.93
CA LYS C 245 44.47 5.07 25.47
C LYS C 245 45.44 4.54 24.43
N ASP C 246 46.55 4.01 24.89
CA ASP C 246 47.59 3.54 23.98
C ASP C 246 47.08 2.37 23.14
N ASN C 247 47.43 2.39 21.85
CA ASN C 247 47.06 1.33 20.91
C ASN C 247 45.55 1.09 20.88
N LYS C 248 44.77 2.14 21.15
CA LYS C 248 43.32 2.08 21.07
C LYS C 248 42.82 3.40 20.53
N VAL C 249 41.86 3.34 19.61
CA VAL C 249 41.26 4.53 19.02
C VAL C 249 39.95 4.81 19.73
N LEU C 250 39.74 6.06 20.12
CA LEU C 250 38.49 6.46 20.72
C LEU C 250 37.36 6.31 19.72
N GLN C 251 36.18 5.89 20.21
CA GLN C 251 35.03 5.65 19.35
C GLN C 251 33.81 6.43 19.83
N ASP C 252 33.16 6.03 20.93
CA ASP C 252 31.92 6.67 21.33
C ASP C 252 31.89 6.82 22.86
N VAL C 253 31.02 7.71 23.34
CA VAL C 253 30.97 8.03 24.77
C VAL C 253 29.50 8.02 25.21
N SER C 254 29.26 7.52 26.42
CA SER C 254 27.92 7.56 26.98
C SER C 254 28.04 7.61 28.50
N THR C 255 26.91 7.76 29.18
CA THR C 255 26.91 7.82 30.63
C THR C 255 25.99 6.76 31.21
N LEU C 256 26.42 6.19 32.33
CA LEU C 256 25.59 5.32 33.16
C LEU C 256 25.84 5.72 34.61
N ASN C 257 24.77 6.09 35.32
CA ASN C 257 24.84 6.43 36.74
C ASN C 257 25.89 7.51 37.00
N ASP C 258 25.82 8.57 36.21
CA ASP C 258 26.75 9.72 36.27
C ASP C 258 28.20 9.32 36.07
N GLU C 259 28.46 8.19 35.43
CA GLU C 259 29.81 7.75 35.12
C GLU C 259 29.94 7.54 33.62
N TYR C 260 31.16 7.67 33.12
CA TYR C 260 31.36 7.50 31.68
C TYR C 260 31.55 6.04 31.32
N ILE C 261 30.98 5.66 30.18
CA ILE C 261 31.28 4.41 29.50
C ILE C 261 31.84 4.77 28.13
N VAL C 262 33.03 4.27 27.83
CA VAL C 262 33.80 4.74 26.68
C VAL C 262 34.28 3.53 25.88
N SER C 263 33.92 3.50 24.60
CA SER C 263 34.33 2.44 23.70
C SER C 263 35.58 2.84 22.92
N TYR C 264 36.34 1.82 22.50
CA TYR C 264 37.56 1.98 21.74
C TYR C 264 37.67 0.83 20.73
N GLY C 265 38.61 0.97 19.81
CA GLY C 265 38.95 -0.12 18.92
C GLY C 265 40.42 -0.47 19.04
N ASN C 266 40.81 -1.67 18.60
CA ASN C 266 42.23 -2.04 18.67
C ASN C 266 43.08 -1.13 17.79
N ASP C 267 42.50 -0.66 16.69
CA ASP C 267 43.07 0.38 15.83
C ASP C 267 42.01 0.75 14.80
N ASN C 268 42.41 1.54 13.80
CA ASN C 268 41.45 2.10 12.87
C ASN C 268 40.72 1.04 12.05
N ASN C 269 41.28 -0.16 11.93
CA ASN C 269 40.58 -1.23 11.23
C ASN C 269 39.44 -1.83 12.06
N PHE C 270 39.41 -1.56 13.38
CA PHE C 270 38.30 -1.95 14.24
C PHE C 270 38.03 -3.46 14.22
N ALA C 271 39.10 -4.25 14.35
CA ALA C 271 38.92 -5.69 14.45
C ALA C 271 38.19 -6.10 15.73
N GLU C 272 38.34 -5.32 16.81
CA GLU C 272 37.72 -5.60 18.08
C GLU C 272 37.37 -4.28 18.75
N CYS C 273 36.43 -4.32 19.69
CA CYS C 273 36.04 -3.12 20.40
C CYS C 273 36.13 -3.35 21.89
N TYR C 274 36.60 -2.35 22.63
CA TYR C 274 36.64 -2.39 24.08
C TYR C 274 35.59 -1.45 24.65
N ILE C 275 34.90 -1.88 25.69
CA ILE C 275 34.04 -1.01 26.48
C ILE C 275 34.73 -0.77 27.82
N PHE C 276 34.74 0.48 28.27
CA PHE C 276 35.43 0.83 29.50
C PHE C 276 34.47 1.55 30.44
N PHE C 277 34.27 0.96 31.61
CA PHE C 277 33.38 1.49 32.64
C PHE C 277 34.22 2.29 33.64
N ASN C 278 34.02 3.60 33.63
CA ASN C 278 34.69 4.55 34.53
C ASN C 278 36.20 4.44 34.45
N ASN C 279 36.69 3.99 33.29
CA ASN C 279 38.12 3.71 33.08
C ASN C 279 38.66 2.80 34.18
N GLU C 280 37.78 1.98 34.76
CA GLU C 280 38.14 0.99 35.76
C GLU C 280 37.90 -0.42 35.24
N ASN C 281 36.66 -0.77 34.95
CA ASN C 281 36.37 -2.09 34.43
C ASN C 281 36.41 -2.08 32.90
N SER C 282 36.67 -3.25 32.32
CA SER C 282 36.82 -3.33 30.87
C SER C 282 36.19 -4.60 30.33
N ILE C 283 35.51 -4.47 29.19
CA ILE C 283 34.91 -5.56 28.45
C ILE C 283 35.50 -5.54 27.04
N LEU C 284 35.63 -6.72 26.44
CA LEU C 284 36.07 -6.84 25.05
C LEU C 284 34.97 -7.50 24.24
N ILE C 285 34.54 -6.82 23.19
CA ILE C 285 33.62 -7.34 22.19
C ILE C 285 34.45 -7.74 20.98
N LYS C 286 34.55 -9.05 20.76
CA LYS C 286 35.16 -9.58 19.54
C LYS C 286 34.06 -10.02 18.59
N PRO C 287 33.93 -9.41 17.42
CA PRO C 287 32.90 -9.85 16.47
C PRO C 287 33.26 -11.18 15.84
N GLU C 288 32.43 -12.19 16.05
CA GLU C 288 32.58 -13.44 15.34
C GLU C 288 32.30 -13.22 13.85
N LYS C 289 33.12 -13.85 13.01
CA LYS C 289 33.00 -13.71 11.56
C LYS C 289 32.64 -15.05 10.95
N TYR C 290 31.57 -15.06 10.13
CA TYR C 290 31.25 -16.23 9.33
C TYR C 290 30.95 -15.87 7.88
N GLY C 291 31.42 -14.71 7.43
CA GLY C 291 31.29 -14.32 6.04
C GLY C 291 32.65 -14.09 5.41
N ASN C 292 32.67 -14.07 4.07
CA ASN C 292 33.89 -13.73 3.36
C ASN C 292 34.32 -12.30 3.67
N THR C 293 33.37 -11.42 3.91
CA THR C 293 33.69 -10.08 4.40
C THR C 293 34.24 -10.16 5.82
N THR C 294 35.24 -9.32 6.11
CA THR C 294 35.74 -9.22 7.47
C THR C 294 34.69 -8.62 8.39
N ALA C 295 34.57 -9.18 9.59
CA ALA C 295 33.64 -8.68 10.59
C ALA C 295 34.33 -7.65 11.48
N GLY C 296 33.61 -6.57 11.79
CA GLY C 296 34.16 -5.50 12.60
C GLY C 296 33.05 -4.68 13.22
N CYS C 297 33.45 -3.78 14.11
CA CYS C 297 32.54 -2.96 14.89
C CYS C 297 32.74 -1.48 14.58
N TYR C 298 33.02 -1.16 13.32
CA TYR C 298 33.42 0.20 12.96
C TYR C 298 32.31 1.21 13.25
N GLY C 299 31.05 0.81 13.08
CA GLY C 299 29.93 1.69 13.30
C GLY C 299 29.41 1.74 14.72
N GLY C 300 30.01 1.00 15.64
CA GLY C 300 29.43 0.76 16.94
C GLY C 300 29.12 2.00 17.73
N THR C 301 27.90 2.07 18.26
CA THR C 301 27.45 3.23 19.01
C THR C 301 26.59 2.77 20.17
N PHE C 302 26.68 3.52 21.27
CA PHE C 302 25.83 3.29 22.43
C PHE C 302 24.42 3.81 22.16
N VAL C 303 23.44 3.15 22.79
CA VAL C 303 22.05 3.59 22.79
C VAL C 303 21.57 3.41 24.22
N LYS C 304 21.57 4.50 25.00
CA LYS C 304 21.22 4.41 26.40
C LYS C 304 19.76 4.00 26.58
N ILE C 305 19.53 3.12 27.55
CA ILE C 305 18.17 2.70 27.89
C ILE C 305 17.75 3.43 29.16
N ASP C 306 18.55 3.28 30.21
CA ASP C 306 18.36 4.05 31.44
C ASP C 306 19.73 4.17 32.12
N GLU C 307 19.72 4.39 33.44
CA GLU C 307 20.96 4.56 34.18
C GLU C 307 21.68 3.24 34.44
N ASN C 308 21.06 2.10 34.13
CA ASN C 308 21.67 0.79 34.33
C ASN C 308 21.96 0.05 33.03
N ARG C 309 21.09 0.17 32.03
CA ARG C 309 21.20 -0.59 30.79
C ARG C 309 21.56 0.31 29.62
N THR C 310 22.36 -0.22 28.70
CA THR C 310 22.64 0.49 27.46
C THR C 310 23.00 -0.52 26.37
N LEU C 311 22.66 -0.17 25.14
CA LEU C 311 22.98 -1.00 23.99
C LEU C 311 24.29 -0.57 23.35
N PHE C 312 24.97 -1.54 22.73
CA PHE C 312 26.08 -1.26 21.83
C PHE C 312 25.75 -1.92 20.50
N ILE C 313 25.65 -1.11 19.44
CA ILE C 313 25.12 -1.56 18.16
C ILE C 313 26.19 -1.43 17.09
N TYR C 314 26.28 -2.43 16.21
CA TYR C 314 27.08 -2.28 15.01
C TYR C 314 26.56 -3.21 13.91
N SER C 315 26.61 -2.72 12.68
CA SER C 315 26.15 -3.42 11.49
C SER C 315 27.32 -4.12 10.79
N SER C 316 26.98 -4.98 9.83
CA SER C 316 28.00 -5.71 9.08
C SER C 316 27.70 -5.80 7.58
N SER C 317 27.83 -7.01 7.03
CA SER C 317 27.94 -7.18 5.59
C SER C 317 26.65 -6.82 4.83
N GLN C 318 25.49 -7.04 5.44
CA GLN C 318 24.25 -7.13 4.68
C GLN C 318 23.12 -6.28 5.24
N GLY C 319 23.22 -5.81 6.48
CA GLY C 319 22.06 -5.32 7.20
C GLY C 319 21.87 -6.19 8.42
N ILE C 320 22.99 -6.74 8.90
CA ILE C 320 23.03 -7.60 10.07
C ILE C 320 23.45 -6.72 11.25
N TYR C 321 22.48 -6.30 12.05
CA TYR C 321 22.74 -5.44 13.20
C TYR C 321 23.00 -6.32 14.41
N ASN C 322 24.28 -6.51 14.72
CA ASN C 322 24.66 -7.02 16.03
C ASN C 322 24.31 -5.99 17.09
N ILE C 323 23.72 -6.46 18.19
CA ILE C 323 23.21 -5.61 19.25
C ILE C 323 23.57 -6.28 20.58
N HIS C 324 24.54 -5.70 21.29
CA HIS C 324 24.89 -6.15 22.63
C HIS C 324 24.05 -5.39 23.64
N THR C 325 23.28 -6.13 24.44
CA THR C 325 22.57 -5.57 25.57
C THR C 325 23.50 -5.58 26.78
N ILE C 326 23.87 -4.39 27.26
CA ILE C 326 24.87 -4.24 28.31
C ILE C 326 24.17 -3.79 29.58
N TYR C 327 24.34 -4.58 30.65
CA TYR C 327 23.85 -4.22 31.98
C TYR C 327 25.04 -4.03 32.91
N TYR C 328 24.97 -3.00 33.74
CA TYR C 328 26.08 -2.65 34.63
C TYR C 328 25.52 -1.77 35.74
N ALA C 329 25.63 -2.22 36.98
CA ALA C 329 25.02 -1.48 38.08
C ALA C 329 25.69 -1.88 39.39
N ASN C 330 25.20 -1.29 40.48
CA ASN C 330 25.74 -1.48 41.83
C ASN C 330 27.13 -0.86 41.96
C1 NAG D . -9.88 17.83 -22.29
C2 NAG D . -10.49 18.44 -23.55
C3 NAG D . -9.48 19.38 -24.21
C4 NAG D . -8.97 20.42 -23.22
C5 NAG D . -8.55 19.76 -21.89
C6 NAG D . -8.30 20.78 -20.80
C7 NAG D . -12.11 16.81 -24.38
C8 NAG D . -12.42 15.78 -25.43
N2 NAG D . -10.92 17.41 -24.48
O3 NAG D . -10.10 20.02 -25.31
O4 NAG D . -7.80 21.06 -23.74
O5 NAG D . -9.54 18.85 -21.40
O6 NAG D . -9.50 21.31 -20.24
O7 NAG D . -12.91 17.08 -23.49
C1 NAG D . -7.95 22.48 -23.94
C2 NAG D . -6.54 23.08 -24.03
C3 NAG D . -6.63 24.56 -24.42
C4 NAG D . -7.41 24.73 -25.71
C5 NAG D . -8.78 24.07 -25.57
C6 NAG D . -9.54 23.98 -26.87
C7 NAG D . -4.90 21.96 -22.62
C8 NAG D . -4.21 21.92 -21.28
N2 NAG D . -5.80 22.92 -22.79
O3 NAG D . -5.30 25.08 -24.58
O4 NAG D . -7.59 26.11 -26.00
O5 NAG D . -8.64 22.70 -25.14
O6 NAG D . -10.22 22.74 -26.79
O7 NAG D . -4.65 21.13 -23.49
C1 FUC D . -8.91 22.25 -19.28
C2 FUC D . -9.91 23.14 -18.50
C3 FUC D . -10.99 22.26 -17.99
C4 FUC D . -10.40 21.22 -17.01
C5 FUC D . -9.04 20.54 -17.49
C6 FUC D . -8.18 20.05 -16.34
O2 FUC D . -10.41 24.21 -19.30
O3 FUC D . -11.94 23.06 -17.29
O4 FUC D . -10.22 21.81 -15.72
O5 FUC D . -8.16 21.39 -18.38
#